data_9PZX
#
_entry.id   9PZX
#
_cell.length_a   1.00
_cell.length_b   1.00
_cell.length_c   1.00
_cell.angle_alpha   90.00
_cell.angle_beta   90.00
_cell.angle_gamma   90.00
#
_symmetry.space_group_name_H-M   'P 1'
#
loop_
_entity.id
_entity.type
_entity.pdbx_description
1 polymer 'Glutamate receptor ionotropic, NMDA 1'
2 polymer 'Glutamate receptor ionotropic, NMDA 2A'
3 polymer 'Heavy chain of GluN2A-specific monoclonal Fab fragment, termed 3D2'
4 polymer 'Light chain of GluN2A-specific monoclonal Fab fragment, termed 3D2'
5 branched 2-acetamido-2-deoxy-beta-D-glucopyranose-(1-4)-2-acetamido-2-deoxy-beta-D-glucopyranose
6 non-polymer 2-acetamido-2-deoxy-beta-D-glucopyranose
#
loop_
_entity_poly.entity_id
_entity_poly.type
_entity_poly.pdbx_seq_one_letter_code
_entity_poly.pdbx_strand_id
1 'polypeptide(L)'
;MSTMHLLTFALLFSCSFARAACDPKIVNIGAVLSTRKHEQMFREAVNQANKRHGSWKIQLNATSVTHKPNAIQMALSVCE
DLISSQVYAILVSHPPTPNDHFTPTPVSYTAGFYRIPVLGLTTRMSIYSDKSIHLSFLRTVPPYSHQSSVWFEMMRVYNW
NHIILLVSDDHEGRAAQKRLETLLEERESKAEKVLQFDPGTKNVTALLMEARELEARVIILSASEDDAATVYRAAAMLNM
TGSGYVWLVGEREISGNALRYAPDGIIGLQLINGKNESAHISDAVGVVAQAVHELLEKENITDPPRGCVGNTNIWKTGPL
FKRVLMSSKYADGVTGRVEFNEDGDRKFANYSIMNLQNRKLVQVGIYNGTHVIPNDRKIIWPGGETEKPRGYQMSTRLKI
VTIHQEPFVYVKPTMSDGTCKEEFTVNGDPVKKVICTGPNDTSPGSPRHTVPQCCYGFCIDLLIKLARTMNFTYEVHLVA
DGKFGTQERVNNSNKKEWNGMMGELLSGQADMIVAPLTINNERAQYIEFSKPFKYQGLTILVKKEIPRSTLDSFMQPFQS
TLWLLVGLSVHVVAVMLYLLDRFSPFGRFKVNSEEEEEDALTLSSAMWFSWGVLLNSGIGEGAPRSFSARILGMVWAGFA
MIIVASYTANLAAFLVLDRPEERITGINDPRLRNPSDKFIYATVKQSSVDIYFRRQVELSTMYRHMEKHNYESAAEAIQA
VRDNKLHAFIWDSAVLEFEASQKCDLVTTGELFFRSGFGIGMRKDSPWKQNVSLSILKSHENGFMEDLDKTWVRYQECDS
RSNAPATLTFENMAGVFMLVAGGIVAGIFLIFIEIAYKRHKDARRKQ
;
A
2 'polypeptide(L)'
;MGRLGYWTLLVLPALLVWRDPAQNAAAEKGPPALNIAVLLGHSHDVTERELRNLWGPEQATGLPLDVNVVALLMNRTDPK
SLITHVCDLMSGARIHGLVFGDDTDQEAVAQMLDFISSQTFIPILGIHGGASMIMADKDPTSTFFQFGASIQQQATVMLK
IMQDYDWHVFSLVTTIFPGYRDFISFIKTTVDNSFVGWDMQNVITLDTSFEDAKTQVQLKKIHSSVILLYCSKDEAVLIL
SEARSLGLTGYDFFWIVPSLVSGNTELIPKEFPSGLISVSYDDWDYSLEARVRDGLGILTTAASSMLEKFSYIPEAKASC
YGQAEKPETPLHTLHQFMVNVTWDGKDLSFTEEGYQVHPRLVVIVLNKDREWEKVGKWENQTLSLRHAVWPRYKSFSDCE
PDDNHLSIVTLEEAPFVIVEDIDPLTETCVRNTVPCRKFVKINNSTNEGMNVKKCCKGFCIDILKKLSRTVKFTYDLYLV
TNGKHGKKVNNVWNGMIGEVVYQRAVMAVGSLTINEERSEVVDFSVPFVETGISVMVSRSNGTVSPSAFLEPFSASVWVM
MFVMLLIVSAIAVFVFEYFSPVGYNRNLAKGKAPHGPSFTIGKAIWLLWGLVFNNSVPVQNPKGTTSKIMVSVWAFFAVI
FLASYTANLAAFMIQEEFVDQVTGLSDKKFQRPHDYSPPFRFGTVPNGSTERNIRNNYPYMHQYMTRFNQRGVEDALVSL
KTGKLDAFIYDAAVLNYKAGRDEGCKLVTIGSGYIFATTGYGIALQKGSPWKRQIDLALLQFVGDGEMEELETLWLTGIC
HNEKNEVMSSQLDIDNMAGVFYMLAAAMALSLITFIWEHLFYWKLRFCFTGVCSDRPGLLFSISRG
;
B
3 'polypeptide(L)'
;MVSAIVLYVLLAAAAHSAFAQVQLQQSGAELMKPGASVKISCKATGYTFRSYWIEWLKQRPGHGLEWIGEILPGSGRTNY
NEKFKGKATITADTSSNTAYMQLSSLTSEDSAVYYCTRSRGTMITREFTYWGQGALVTVSA
;
J
4 'polypeptide(L)'
;MVSAIVLYVLLAAAAHSAFADIVLTQSPASLAVSLGQRATISCRASESVEYYGTTLMQWYQQKPGQPPKLLIYAASNVDS
GVPARFSGSGSGTDFSLNIHPVEEDDIAMYFCQQSRKVPSTFGGGTKLEIK
;
K
#
loop_
_chem_comp.id
_chem_comp.type
_chem_comp.name
_chem_comp.formula
NAG D-saccharide, beta linking 2-acetamido-2-deoxy-beta-D-glucopyranose 'C8 H15 N O6'
#
# COMPACT_ATOMS: atom_id res chain seq x y z
N LYS A 25 -22.75 -3.06 -33.71
CA LYS A 25 -21.41 -2.54 -33.40
C LYS A 25 -20.59 -3.60 -32.67
N ILE A 26 -19.96 -3.20 -31.58
CA ILE A 26 -19.14 -4.10 -30.77
C ILE A 26 -19.22 -3.67 -29.31
N VAL A 27 -19.58 -4.59 -28.43
CA VAL A 27 -19.54 -4.36 -26.98
C VAL A 27 -18.95 -5.60 -26.32
N ASN A 28 -17.98 -5.40 -25.44
CA ASN A 28 -17.29 -6.50 -24.77
C ASN A 28 -17.73 -6.58 -23.32
N ILE A 29 -18.13 -7.78 -22.89
CA ILE A 29 -18.51 -8.04 -21.52
C ILE A 29 -17.54 -9.07 -20.96
N GLY A 30 -17.00 -8.80 -19.78
CA GLY A 30 -15.94 -9.61 -19.20
C GLY A 30 -16.45 -10.42 -18.02
N ALA A 31 -15.82 -11.58 -17.81
CA ALA A 31 -16.20 -12.48 -16.73
C ALA A 31 -14.95 -13.15 -16.17
N VAL A 32 -15.01 -13.50 -14.89
CA VAL A 32 -13.95 -14.24 -14.21
C VAL A 32 -14.62 -15.46 -13.57
N LEU A 33 -14.37 -16.64 -14.11
CA LEU A 33 -15.10 -17.84 -13.75
C LEU A 33 -14.16 -18.87 -13.14
N SER A 34 -14.69 -20.08 -12.93
CA SER A 34 -14.00 -21.15 -12.22
C SER A 34 -13.35 -22.17 -13.15
N THR A 35 -14.12 -22.74 -14.06
CA THR A 35 -13.64 -23.82 -14.93
C THR A 35 -13.70 -23.37 -16.39
N ARG A 36 -13.40 -24.30 -17.29
CA ARG A 36 -13.38 -24.03 -18.72
C ARG A 36 -14.74 -24.23 -19.39
N LYS A 37 -15.62 -25.03 -18.80
CA LYS A 37 -16.96 -25.23 -19.35
C LYS A 37 -17.87 -24.04 -19.06
N HIS A 38 -17.65 -23.35 -17.94
CA HIS A 38 -18.37 -22.11 -17.69
C HIS A 38 -18.04 -21.06 -18.75
N GLU A 39 -16.85 -21.15 -19.34
CA GLU A 39 -16.51 -20.26 -20.45
C GLU A 39 -17.47 -20.50 -21.63
N GLN A 40 -17.70 -21.77 -21.97
CA GLN A 40 -18.61 -22.06 -23.08
C GLN A 40 -20.04 -21.70 -22.72
N MET A 41 -20.43 -21.89 -21.46
CA MET A 41 -21.76 -21.45 -21.04
C MET A 41 -21.93 -19.95 -21.22
N PHE A 42 -20.92 -19.17 -20.83
CA PHE A 42 -20.95 -17.72 -21.01
C PHE A 42 -21.01 -17.35 -22.49
N ARG A 43 -20.21 -18.03 -23.32
CA ARG A 43 -20.20 -17.75 -24.76
C ARG A 43 -21.58 -18.01 -25.37
N GLU A 44 -22.18 -19.15 -25.02
CA GLU A 44 -23.48 -19.49 -25.59
C GLU A 44 -24.57 -18.56 -25.07
N ALA A 45 -24.48 -18.14 -23.80
CA ALA A 45 -25.44 -17.18 -23.27
C ALA A 45 -25.38 -15.87 -24.03
N VAL A 46 -24.16 -15.38 -24.32
CA VAL A 46 -24.03 -14.15 -25.08
C VAL A 46 -24.52 -14.33 -26.50
N ASN A 47 -24.16 -15.44 -27.15
CA ASN A 47 -24.63 -15.69 -28.50
C ASN A 47 -26.15 -15.77 -28.57
N GLN A 48 -26.79 -16.29 -27.53
CA GLN A 48 -28.24 -16.21 -27.43
C GLN A 48 -28.70 -14.77 -27.29
N ALA A 49 -28.03 -13.99 -26.42
CA ALA A 49 -28.43 -12.61 -26.19
C ALA A 49 -28.39 -11.80 -27.47
N ASN A 50 -27.50 -12.15 -28.41
CA ASN A 50 -27.52 -11.50 -29.71
C ASN A 50 -28.65 -11.99 -30.59
N LYS A 51 -29.09 -13.24 -30.40
CA LYS A 51 -30.23 -13.79 -31.13
C LYS A 51 -31.55 -13.29 -30.60
N ARG A 52 -31.62 -12.88 -29.33
CA ARG A 52 -32.91 -12.52 -28.74
C ARG A 52 -33.35 -11.12 -29.16
N HIS A 53 -32.59 -10.09 -28.76
CA HIS A 53 -32.97 -8.72 -29.04
C HIS A 53 -33.00 -8.40 -30.52
N GLY A 54 -32.05 -8.90 -31.29
CA GLY A 54 -31.88 -8.55 -32.68
C GLY A 54 -30.41 -8.25 -33.00
N SER A 55 -30.21 -7.62 -34.15
CA SER A 55 -28.86 -7.32 -34.62
C SER A 55 -28.89 -6.02 -35.42
N TRP A 56 -27.76 -5.71 -36.05
CA TRP A 56 -27.53 -4.56 -36.92
C TRP A 56 -27.54 -3.23 -36.17
N LYS A 57 -27.78 -3.23 -34.86
CA LYS A 57 -27.75 -2.01 -34.08
C LYS A 57 -26.73 -2.06 -32.96
N ILE A 58 -26.66 -3.18 -32.24
CA ILE A 58 -25.66 -3.42 -31.21
C ILE A 58 -25.35 -4.91 -31.24
N GLN A 59 -24.08 -5.26 -31.06
CA GLN A 59 -23.65 -6.64 -30.87
C GLN A 59 -23.03 -6.79 -29.49
N LEU A 60 -22.66 -8.02 -29.15
CA LEU A 60 -22.00 -8.32 -27.90
C LEU A 60 -20.78 -9.19 -28.16
N ASN A 61 -19.97 -9.37 -27.11
CA ASN A 61 -18.76 -10.16 -27.21
C ASN A 61 -18.48 -10.81 -25.87
N ALA A 62 -17.64 -11.84 -25.90
CA ALA A 62 -17.31 -12.63 -24.72
C ALA A 62 -15.81 -12.62 -24.50
N THR A 63 -15.37 -12.00 -23.41
CA THR A 63 -13.98 -12.05 -22.96
C THR A 63 -13.95 -12.60 -21.55
N SER A 64 -13.16 -13.64 -21.33
CA SER A 64 -13.15 -14.32 -20.04
C SER A 64 -11.77 -14.85 -19.74
N VAL A 65 -11.49 -14.99 -18.44
CA VAL A 65 -10.26 -15.58 -17.94
C VAL A 65 -10.61 -16.49 -16.76
N THR A 66 -9.62 -17.22 -16.27
CA THR A 66 -9.79 -18.08 -15.12
C THR A 66 -9.34 -17.34 -13.86
N HIS A 67 -9.29 -18.03 -12.73
CA HIS A 67 -8.84 -17.43 -11.48
C HIS A 67 -7.33 -17.55 -11.34
N LYS A 68 -6.78 -16.85 -10.36
CA LYS A 68 -5.37 -16.91 -10.03
C LYS A 68 -5.19 -17.17 -8.54
N PRO A 69 -4.18 -17.94 -8.14
CA PRO A 69 -3.96 -18.20 -6.72
C PRO A 69 -3.55 -16.95 -5.95
N ASN A 70 -2.56 -16.23 -6.48
CA ASN A 70 -2.06 -15.03 -5.83
C ASN A 70 -2.93 -13.84 -6.16
N ALA A 71 -3.36 -13.10 -5.13
CA ALA A 71 -4.27 -11.98 -5.34
C ALA A 71 -3.63 -10.89 -6.18
N ILE A 72 -2.36 -10.60 -5.95
CA ILE A 72 -1.65 -9.60 -6.75
C ILE A 72 -1.63 -10.03 -8.22
N GLN A 73 -1.36 -11.30 -8.48
CA GLN A 73 -1.41 -11.81 -9.84
C GLN A 73 -2.80 -11.65 -10.45
N MET A 74 -3.84 -11.87 -9.64
CA MET A 74 -5.21 -11.71 -10.14
C MET A 74 -5.48 -10.26 -10.53
N ALA A 75 -5.08 -9.31 -9.68
CA ALA A 75 -5.31 -7.90 -9.99
C ALA A 75 -4.53 -7.48 -11.23
N LEU A 76 -3.27 -7.91 -11.35
CA LEU A 76 -2.49 -7.58 -12.53
C LEU A 76 -3.11 -8.18 -13.79
N SER A 77 -3.57 -9.43 -13.70
CA SER A 77 -4.19 -10.08 -14.84
C SER A 77 -5.45 -9.35 -15.27
N VAL A 78 -6.27 -8.91 -14.31
CA VAL A 78 -7.45 -8.13 -14.65
C VAL A 78 -7.04 -6.85 -15.38
N CYS A 79 -6.13 -6.09 -14.78
CA CYS A 79 -5.76 -4.79 -15.34
C CYS A 79 -5.14 -4.92 -16.72
N GLU A 80 -4.49 -6.04 -17.02
CA GLU A 80 -3.82 -6.20 -18.30
C GLU A 80 -4.58 -7.05 -19.29
N ASP A 81 -5.72 -7.65 -18.89
CA ASP A 81 -6.45 -8.53 -19.79
C ASP A 81 -7.88 -8.09 -20.05
N LEU A 82 -8.59 -7.62 -19.03
CA LEU A 82 -10.01 -7.29 -19.24
C LEU A 82 -10.21 -5.82 -19.57
N ILE A 83 -9.58 -4.93 -18.81
CA ILE A 83 -9.74 -3.50 -19.06
C ILE A 83 -9.16 -3.11 -20.42
N SER A 84 -8.08 -3.77 -20.83
CA SER A 84 -7.47 -3.46 -22.12
C SER A 84 -8.40 -3.75 -23.30
N SER A 85 -9.43 -4.56 -23.09
CA SER A 85 -10.40 -4.89 -24.13
C SER A 85 -11.60 -3.94 -24.13
N GLN A 86 -11.58 -2.91 -23.29
CA GLN A 86 -12.67 -1.94 -23.17
C GLN A 86 -13.98 -2.64 -22.79
N VAL A 87 -13.95 -3.33 -21.65
CA VAL A 87 -15.16 -3.98 -21.17
C VAL A 87 -16.14 -2.95 -20.62
N TYR A 88 -17.42 -3.31 -20.63
CA TYR A 88 -18.47 -2.47 -20.07
C TYR A 88 -18.92 -2.94 -18.69
N ALA A 89 -18.75 -4.22 -18.38
CA ALA A 89 -19.04 -4.75 -17.05
C ALA A 89 -18.19 -5.99 -16.84
N ILE A 90 -18.04 -6.38 -15.58
CA ILE A 90 -17.26 -7.56 -15.21
C ILE A 90 -18.09 -8.42 -14.27
N LEU A 91 -18.20 -9.70 -14.59
CA LEU A 91 -18.86 -10.68 -13.74
C LEU A 91 -17.81 -11.48 -12.99
N VAL A 92 -18.02 -11.68 -11.69
CA VAL A 92 -17.08 -12.40 -10.84
C VAL A 92 -17.81 -13.49 -10.09
N SER A 93 -17.35 -14.73 -10.24
CA SER A 93 -17.87 -15.87 -9.53
C SER A 93 -16.91 -16.27 -8.40
N HIS A 94 -17.17 -17.42 -7.78
CA HIS A 94 -16.32 -17.91 -6.72
C HIS A 94 -15.56 -19.16 -7.17
N PRO A 95 -14.31 -19.33 -6.74
CA PRO A 95 -13.56 -20.53 -7.11
C PRO A 95 -14.17 -21.76 -6.47
N PRO A 96 -14.00 -22.93 -7.09
CA PRO A 96 -14.57 -24.16 -6.49
C PRO A 96 -14.02 -24.47 -5.11
N THR A 97 -12.74 -24.18 -4.87
CA THR A 97 -12.12 -24.45 -3.57
C THR A 97 -12.19 -23.19 -2.72
N PRO A 98 -12.93 -23.18 -1.62
CA PRO A 98 -13.05 -21.97 -0.79
C PRO A 98 -11.83 -21.74 0.09
N ASN A 99 -10.68 -21.53 -0.55
CA ASN A 99 -9.46 -21.22 0.20
C ASN A 99 -9.58 -19.88 0.90
N ASP A 100 -10.14 -18.88 0.22
CA ASP A 100 -10.37 -17.56 0.81
C ASP A 100 -11.74 -17.08 0.35
N HIS A 101 -12.52 -16.56 1.30
CA HIS A 101 -13.87 -16.11 1.00
C HIS A 101 -13.87 -14.78 0.24
N PHE A 102 -12.85 -13.96 0.42
CA PHE A 102 -12.79 -12.63 -0.18
C PHE A 102 -11.97 -12.68 -1.48
N THR A 103 -12.50 -13.42 -2.45
CA THR A 103 -11.90 -13.55 -3.77
C THR A 103 -12.18 -12.36 -4.68
N PRO A 104 -13.39 -11.82 -4.73
CA PRO A 104 -13.65 -10.69 -5.64
C PRO A 104 -13.11 -9.33 -5.16
N THR A 105 -12.35 -9.29 -4.06
CA THR A 105 -11.82 -8.00 -3.59
C THR A 105 -10.86 -7.35 -4.57
N PRO A 106 -9.84 -8.03 -5.12
CA PRO A 106 -8.96 -7.35 -6.09
C PRO A 106 -9.70 -6.85 -7.31
N VAL A 107 -10.62 -7.65 -7.84
CA VAL A 107 -11.40 -7.22 -9.00
C VAL A 107 -12.23 -6.00 -8.65
N SER A 108 -12.89 -6.02 -7.48
CA SER A 108 -13.72 -4.90 -7.09
C SER A 108 -12.91 -3.62 -6.97
N TYR A 109 -11.73 -3.69 -6.35
CA TYR A 109 -10.91 -2.49 -6.20
C TYR A 109 -10.43 -1.98 -7.55
N THR A 110 -9.84 -2.86 -8.36
CA THR A 110 -9.24 -2.42 -9.61
C THR A 110 -10.28 -2.01 -10.64
N ALA A 111 -11.54 -2.41 -10.48
CA ALA A 111 -12.59 -1.96 -11.39
C ALA A 111 -13.38 -0.79 -10.84
N GLY A 112 -13.45 -0.62 -9.52
CA GLY A 112 -14.03 0.57 -8.95
C GLY A 112 -13.11 1.77 -8.96
N PHE A 113 -11.83 1.57 -9.26
CA PHE A 113 -10.98 2.72 -9.56
C PHE A 113 -11.53 3.51 -10.74
N TYR A 114 -11.98 2.82 -11.79
CA TYR A 114 -12.51 3.46 -12.99
C TYR A 114 -14.04 3.50 -13.03
N ARG A 115 -14.71 3.04 -11.97
CA ARG A 115 -16.18 3.07 -11.89
C ARG A 115 -16.83 2.21 -12.96
N ILE A 116 -16.29 1.03 -13.19
CA ILE A 116 -16.89 0.04 -14.08
C ILE A 116 -17.72 -0.91 -13.22
N PRO A 117 -19.02 -1.04 -13.48
CA PRO A 117 -19.86 -1.89 -12.62
C PRO A 117 -19.40 -3.34 -12.63
N VAL A 118 -19.46 -3.96 -11.45
CA VAL A 118 -19.08 -5.36 -11.26
C VAL A 118 -20.26 -6.10 -10.67
N LEU A 119 -20.65 -7.21 -11.30
CA LEU A 119 -21.80 -7.99 -10.86
C LEU A 119 -21.31 -9.29 -10.22
N GLY A 120 -21.32 -9.33 -8.90
CA GLY A 120 -21.02 -10.56 -8.20
C GLY A 120 -22.10 -11.61 -8.43
N LEU A 121 -21.70 -12.87 -8.38
CA LEU A 121 -22.61 -13.97 -8.69
C LEU A 121 -22.89 -14.90 -7.52
N THR A 122 -21.93 -15.12 -6.64
CA THR A 122 -22.10 -16.09 -5.56
C THR A 122 -21.69 -15.59 -4.18
N THR A 123 -20.84 -14.57 -4.08
CA THR A 123 -20.35 -14.15 -2.77
C THR A 123 -21.46 -13.53 -1.94
N ARG A 124 -21.62 -14.02 -0.72
CA ARG A 124 -22.64 -13.54 0.22
C ARG A 124 -21.91 -13.05 1.47
N MET A 125 -21.50 -11.79 1.47
CA MET A 125 -20.90 -11.18 2.64
C MET A 125 -21.39 -9.75 2.77
N SER A 126 -21.72 -9.36 4.00
CA SER A 126 -22.29 -8.03 4.24
C SER A 126 -21.28 -6.91 4.01
N ILE A 127 -19.99 -7.21 3.88
CA ILE A 127 -18.99 -6.17 3.69
C ILE A 127 -19.16 -5.52 2.33
N TYR A 128 -19.50 -6.30 1.30
CA TYR A 128 -19.62 -5.76 -0.05
C TYR A 128 -20.85 -4.87 -0.20
N SER A 129 -21.81 -4.94 0.73
CA SER A 129 -22.98 -4.07 0.66
C SER A 129 -22.64 -2.64 1.04
N ASP A 130 -21.51 -2.40 1.69
CA ASP A 130 -21.08 -1.05 2.04
C ASP A 130 -20.60 -0.36 0.77
N LYS A 131 -21.36 0.63 0.30
CA LYS A 131 -21.05 1.29 -0.95
C LYS A 131 -19.98 2.37 -0.82
N SER A 132 -19.56 2.71 0.40
CA SER A 132 -18.48 3.66 0.55
C SER A 132 -17.11 3.05 0.25
N ILE A 133 -16.95 1.75 0.52
CA ILE A 133 -15.69 1.08 0.26
C ILE A 133 -15.65 0.54 -1.17
N HIS A 134 -16.67 -0.22 -1.56
CA HIS A 134 -16.80 -0.75 -2.91
C HIS A 134 -17.81 0.11 -3.67
N LEU A 135 -17.38 0.63 -4.82
CA LEU A 135 -18.13 1.70 -5.49
C LEU A 135 -19.01 1.20 -6.64
N SER A 136 -18.68 0.07 -7.26
CA SER A 136 -19.38 -0.38 -8.45
C SER A 136 -19.74 -1.85 -8.35
N PHE A 137 -20.33 -2.25 -7.22
CA PHE A 137 -20.58 -3.65 -6.92
C PHE A 137 -22.07 -3.94 -6.87
N LEU A 138 -22.48 -4.97 -7.59
CA LEU A 138 -23.83 -5.52 -7.52
C LEU A 138 -23.71 -7.03 -7.42
N ARG A 139 -24.73 -7.68 -6.84
CA ARG A 139 -24.72 -9.13 -6.72
C ARG A 139 -26.14 -9.68 -6.85
N THR A 140 -26.28 -10.75 -7.63
CA THR A 140 -27.57 -11.39 -7.85
C THR A 140 -27.81 -12.45 -6.77
N VAL A 141 -27.62 -12.04 -5.52
CA VAL A 141 -27.80 -12.98 -4.37
C VAL A 141 -27.60 -12.21 -3.07
N PRO A 142 -28.65 -12.02 -2.23
CA PRO A 142 -28.53 -11.29 -0.96
C PRO A 142 -27.53 -11.96 -0.02
N PRO A 143 -26.68 -11.20 0.70
CA PRO A 143 -25.73 -11.77 1.65
C PRO A 143 -26.37 -12.04 3.02
N TYR A 144 -27.20 -13.09 3.11
CA TYR A 144 -27.85 -13.45 4.40
C TYR A 144 -28.72 -12.27 4.87
N ASN A 276 -26.31 -22.97 -7.59
CA ASN A 276 -26.30 -23.18 -9.02
C ASN A 276 -25.67 -22.00 -9.74
N GLU A 277 -24.36 -22.07 -9.96
CA GLU A 277 -23.68 -21.00 -10.68
C GLU A 277 -24.11 -20.93 -12.14
N SER A 278 -24.44 -22.07 -12.74
CA SER A 278 -24.84 -22.08 -14.14
C SER A 278 -26.12 -21.29 -14.37
N ALA A 279 -27.01 -21.26 -13.39
CA ALA A 279 -28.24 -20.48 -13.53
C ALA A 279 -27.98 -18.99 -13.41
N HIS A 280 -27.16 -18.58 -12.45
CA HIS A 280 -26.89 -17.16 -12.25
C HIS A 280 -26.16 -16.55 -13.44
N ILE A 281 -25.38 -17.35 -14.17
CA ILE A 281 -24.74 -16.84 -15.39
C ILE A 281 -25.78 -16.48 -16.42
N SER A 282 -26.81 -17.31 -16.59
CA SER A 282 -27.85 -17.02 -17.57
C SER A 282 -28.69 -15.83 -17.16
N ASP A 283 -28.93 -15.64 -15.86
CA ASP A 283 -29.70 -14.50 -15.41
C ASP A 283 -28.90 -13.20 -15.44
N ALA A 284 -27.59 -13.27 -15.29
CA ALA A 284 -26.77 -12.06 -15.27
C ALA A 284 -26.62 -11.48 -16.67
N VAL A 285 -26.43 -12.32 -17.68
CA VAL A 285 -26.27 -11.82 -19.04
C VAL A 285 -27.56 -11.17 -19.52
N GLY A 286 -28.71 -11.65 -19.05
CA GLY A 286 -29.97 -11.04 -19.44
C GLY A 286 -30.14 -9.62 -18.94
N VAL A 287 -29.77 -9.37 -17.68
CA VAL A 287 -29.95 -8.04 -17.11
C VAL A 287 -28.99 -7.05 -17.74
N VAL A 288 -27.74 -7.45 -17.95
CA VAL A 288 -26.75 -6.56 -18.54
C VAL A 288 -27.10 -6.25 -19.99
N ALA A 289 -27.40 -7.27 -20.78
CA ALA A 289 -27.69 -7.06 -22.19
C ALA A 289 -28.99 -6.31 -22.41
N GLN A 290 -29.91 -6.34 -21.44
CA GLN A 290 -31.13 -5.55 -21.55
C GLN A 290 -30.85 -4.07 -21.30
N ALA A 291 -30.04 -3.76 -20.30
CA ALA A 291 -29.71 -2.37 -20.01
C ALA A 291 -28.77 -1.78 -21.06
N VAL A 292 -27.91 -2.60 -21.65
CA VAL A 292 -27.02 -2.11 -22.70
C VAL A 292 -27.83 -1.68 -23.92
N HIS A 293 -28.83 -2.47 -24.31
CA HIS A 293 -29.69 -2.06 -25.42
C HIS A 293 -30.53 -0.86 -25.04
N GLU A 294 -30.92 -0.76 -23.78
CA GLU A 294 -31.61 0.44 -23.31
C GLU A 294 -30.70 1.67 -23.37
N LEU A 295 -29.43 1.50 -22.98
CA LEU A 295 -28.57 2.66 -22.73
C LEU A 295 -28.19 3.38 -24.03
N LEU A 296 -27.77 2.64 -25.04
CA LEU A 296 -27.25 3.28 -26.25
C LEU A 296 -28.32 3.98 -27.07
N GLU A 297 -29.60 3.80 -26.74
CA GLU A 297 -30.65 4.54 -27.44
C GLU A 297 -30.52 6.04 -27.22
N LYS A 298 -30.03 6.45 -26.04
CA LYS A 298 -29.86 7.87 -25.75
C LYS A 298 -28.54 8.35 -26.39
N GLU A 299 -28.09 9.54 -26.01
CA GLU A 299 -26.97 10.21 -26.64
C GLU A 299 -25.90 10.57 -25.59
N ASN A 300 -24.81 11.16 -26.08
CA ASN A 300 -23.71 11.64 -25.23
C ASN A 300 -23.10 10.50 -24.41
N ILE A 301 -22.86 9.36 -25.06
CA ILE A 301 -22.28 8.20 -24.41
C ILE A 301 -20.89 7.97 -25.00
N THR A 302 -19.88 7.92 -24.13
CA THR A 302 -18.49 7.81 -24.53
C THR A 302 -17.95 6.41 -24.24
N ASP A 303 -16.97 6.01 -25.03
CA ASP A 303 -16.41 4.67 -24.93
C ASP A 303 -15.63 4.50 -23.61
N PRO A 304 -15.58 3.29 -23.08
CA PRO A 304 -14.87 3.06 -21.82
C PRO A 304 -13.37 3.13 -22.01
N PRO A 305 -12.60 3.22 -20.93
CA PRO A 305 -11.14 3.28 -21.07
C PRO A 305 -10.56 1.99 -21.64
N ARG A 306 -9.45 2.14 -22.36
CA ARG A 306 -8.65 1.02 -22.85
C ARG A 306 -7.29 1.04 -22.16
N GLY A 307 -6.92 -0.08 -21.57
CA GLY A 307 -5.68 -0.16 -20.84
C GLY A 307 -5.74 0.59 -19.53
N CYS A 308 -4.80 0.26 -18.64
CA CYS A 308 -4.76 0.87 -17.31
C CYS A 308 -3.35 1.40 -17.01
N VAL A 309 -2.66 1.87 -18.04
CA VAL A 309 -1.30 2.41 -17.90
C VAL A 309 -1.28 3.92 -18.14
N GLY A 310 -1.70 4.35 -19.32
CA GLY A 310 -1.71 5.76 -19.68
C GLY A 310 -2.97 6.50 -19.29
N ASN A 311 -3.88 5.87 -18.55
CA ASN A 311 -5.15 6.47 -18.18
C ASN A 311 -5.19 6.64 -16.67
N THR A 312 -5.51 7.86 -16.23
CA THR A 312 -5.59 8.18 -14.81
C THR A 312 -6.95 8.73 -14.39
N ASN A 313 -7.88 8.93 -15.33
CA ASN A 313 -9.20 9.45 -15.02
C ASN A 313 -10.21 8.31 -14.98
N ILE A 314 -11.47 8.67 -14.73
CA ILE A 314 -12.53 7.69 -14.56
C ILE A 314 -13.42 7.69 -15.80
N TRP A 315 -14.33 6.72 -15.86
CA TRP A 315 -15.32 6.65 -16.92
C TRP A 315 -16.39 7.71 -16.66
N LYS A 316 -16.61 8.58 -17.65
CA LYS A 316 -17.53 9.69 -17.46
C LYS A 316 -18.97 9.21 -17.34
N THR A 317 -19.38 8.28 -18.20
CA THR A 317 -20.73 7.75 -18.18
C THR A 317 -20.87 6.52 -17.29
N GLY A 318 -19.83 6.17 -16.54
CA GLY A 318 -19.87 5.03 -15.65
C GLY A 318 -20.93 5.14 -14.56
N PRO A 319 -20.99 6.28 -13.87
CA PRO A 319 -22.10 6.47 -12.91
C PRO A 319 -23.47 6.41 -13.56
N LEU A 320 -23.59 6.85 -14.81
CA LEU A 320 -24.88 6.78 -15.50
C LEU A 320 -25.28 5.33 -15.76
N PHE A 321 -24.31 4.47 -16.05
CA PHE A 321 -24.62 3.06 -16.32
C PHE A 321 -25.20 2.38 -15.09
N LYS A 322 -24.65 2.67 -13.91
CA LYS A 322 -25.13 2.01 -12.69
C LYS A 322 -26.59 2.34 -12.42
N ARG A 323 -26.98 3.61 -12.58
CA ARG A 323 -28.37 3.98 -12.36
C ARG A 323 -29.28 3.30 -13.37
N VAL A 324 -28.86 3.22 -14.63
CA VAL A 324 -29.61 2.45 -15.62
C VAL A 324 -29.65 0.98 -15.22
N LEU A 325 -28.52 0.45 -14.77
CA LEU A 325 -28.44 -0.96 -14.40
C LEU A 325 -29.33 -1.27 -13.21
N MET A 326 -29.33 -0.40 -12.20
CA MET A 326 -30.11 -0.66 -10.99
C MET A 326 -31.61 -0.57 -11.26
N SER A 327 -32.04 0.42 -12.04
CA SER A 327 -33.45 0.65 -12.31
C SER A 327 -33.94 -0.24 -13.45
N SER A 328 -33.77 -1.54 -13.27
CA SER A 328 -34.11 -2.52 -14.30
C SER A 328 -34.88 -3.68 -13.68
N LYS A 329 -35.86 -4.18 -14.43
CA LYS A 329 -36.58 -5.40 -14.10
C LYS A 329 -36.42 -6.38 -15.26
N TYR A 330 -35.97 -7.58 -14.96
CA TYR A 330 -35.76 -8.61 -15.97
C TYR A 330 -36.92 -9.60 -15.93
N ALA A 331 -37.70 -9.63 -17.00
CA ALA A 331 -38.85 -10.52 -17.08
C ALA A 331 -38.41 -11.91 -17.51
N ASP A 332 -39.27 -12.89 -17.21
CA ASP A 332 -39.04 -14.30 -17.54
C ASP A 332 -37.73 -14.81 -16.93
N GLY A 333 -37.51 -14.45 -15.67
CA GLY A 333 -36.32 -14.92 -14.98
C GLY A 333 -36.38 -16.39 -14.64
N VAL A 334 -35.21 -17.01 -14.51
CA VAL A 334 -35.13 -18.40 -14.08
C VAL A 334 -35.44 -18.55 -12.61
N THR A 335 -35.33 -17.47 -11.83
CA THR A 335 -35.69 -17.45 -10.42
C THR A 335 -36.50 -16.19 -10.11
N GLY A 336 -37.48 -15.90 -10.96
CA GLY A 336 -38.28 -14.71 -10.82
C GLY A 336 -37.59 -13.49 -11.38
N ARG A 337 -38.33 -12.38 -11.43
CA ARG A 337 -37.80 -11.15 -11.99
C ARG A 337 -36.67 -10.61 -11.13
N VAL A 338 -35.48 -10.50 -11.72
CA VAL A 338 -34.31 -10.03 -11.00
C VAL A 338 -34.45 -8.52 -10.81
N GLU A 339 -34.66 -8.09 -9.57
CA GLU A 339 -34.74 -6.68 -9.25
C GLU A 339 -33.75 -6.35 -8.14
N PHE A 340 -33.17 -5.16 -8.20
CA PHE A 340 -32.13 -4.73 -7.27
C PHE A 340 -32.66 -3.64 -6.36
N ASN A 341 -32.24 -3.66 -5.10
CA ASN A 341 -32.63 -2.65 -4.13
C ASN A 341 -31.68 -1.45 -4.26
N GLU A 342 -31.71 -0.56 -3.26
CA GLU A 342 -30.92 0.65 -3.30
C GLU A 342 -29.43 0.41 -3.09
N ASP A 343 -29.01 -0.80 -2.71
CA ASP A 343 -27.61 -1.10 -2.47
C ASP A 343 -27.07 -2.19 -3.38
N GLY A 344 -27.80 -2.50 -4.46
CA GLY A 344 -27.34 -3.52 -5.39
C GLY A 344 -27.61 -4.95 -4.97
N ASP A 345 -28.34 -5.16 -3.89
CA ASP A 345 -28.72 -6.50 -3.47
C ASP A 345 -30.07 -6.86 -4.09
N ARG A 346 -30.67 -7.96 -3.64
CA ARG A 346 -31.98 -8.35 -4.14
C ARG A 346 -33.03 -8.26 -3.05
N GLY B 30 25.12 -2.24 19.60
CA GLY B 30 24.73 -1.51 18.40
C GLY B 30 23.36 -1.92 17.88
N PRO B 31 22.38 -1.05 18.04
CA PRO B 31 21.03 -1.36 17.55
C PRO B 31 21.01 -1.36 16.02
N PRO B 32 20.06 -2.06 15.41
CA PRO B 32 19.96 -2.06 13.95
C PRO B 32 19.39 -0.75 13.41
N ALA B 33 19.16 -0.69 12.10
CA ALA B 33 18.60 0.51 11.47
C ALA B 33 17.41 0.11 10.62
N LEU B 34 16.53 1.08 10.38
CA LEU B 34 15.31 0.88 9.60
C LEU B 34 15.51 1.40 8.19
N ASN B 35 14.90 0.72 7.23
CA ASN B 35 14.85 1.17 5.85
C ASN B 35 13.41 1.58 5.54
N ILE B 36 13.23 2.86 5.18
CA ILE B 36 11.92 3.44 4.97
C ILE B 36 11.87 3.98 3.56
N ALA B 37 10.79 3.67 2.84
CA ALA B 37 10.58 4.15 1.48
C ALA B 37 9.52 5.24 1.48
N VAL B 38 9.83 6.37 0.86
CA VAL B 38 8.92 7.51 0.81
C VAL B 38 8.55 7.78 -0.64
N LEU B 39 7.26 7.76 -0.93
CA LEU B 39 6.73 8.05 -2.25
C LEU B 39 5.93 9.34 -2.18
N LEU B 40 6.27 10.32 -3.01
CA LEU B 40 5.63 11.62 -2.99
C LEU B 40 5.19 12.03 -4.38
N GLY B 41 4.20 12.92 -4.42
CA GLY B 41 3.72 13.42 -5.69
C GLY B 41 4.68 14.39 -6.33
N HIS B 42 4.70 14.38 -7.67
CA HIS B 42 5.60 15.25 -8.41
C HIS B 42 5.25 16.72 -8.21
N SER B 43 3.96 17.05 -8.21
CA SER B 43 3.52 18.44 -8.13
C SER B 43 3.30 18.86 -6.68
N HIS B 44 4.38 18.77 -5.89
CA HIS B 44 4.38 19.24 -4.52
C HIS B 44 5.52 20.21 -4.21
N ASP B 45 6.35 20.54 -5.20
CA ASP B 45 7.49 21.44 -5.02
C ASP B 45 8.43 20.95 -3.91
N VAL B 46 8.69 19.64 -3.91
CA VAL B 46 9.64 19.02 -2.99
C VAL B 46 10.70 18.32 -3.82
N THR B 47 11.96 18.69 -3.60
CA THR B 47 13.06 18.10 -4.35
C THR B 47 13.44 16.76 -3.76
N GLU B 48 14.03 15.91 -4.62
CA GLU B 48 14.38 14.55 -4.19
C GLU B 48 15.58 14.56 -3.25
N ARG B 49 16.45 15.57 -3.36
CA ARG B 49 17.61 15.64 -2.47
C ARG B 49 17.17 15.91 -1.03
N GLU B 50 16.18 16.77 -0.84
CA GLU B 50 15.73 17.10 0.51
C GLU B 50 15.12 15.89 1.20
N LEU B 51 14.54 14.96 0.44
CA LEU B 51 13.95 13.77 1.05
C LEU B 51 15.02 12.92 1.72
N ARG B 52 16.16 12.72 1.06
CA ARG B 52 17.24 11.94 1.64
C ARG B 52 18.13 12.77 2.56
N ASN B 53 17.99 14.10 2.54
CA ASN B 53 18.66 14.96 3.50
C ASN B 53 17.69 15.51 4.54
N LEU B 54 16.53 14.87 4.70
CA LEU B 54 15.53 15.33 5.65
C LEU B 54 15.96 15.13 7.10
N TRP B 55 16.91 14.22 7.34
CA TRP B 55 17.42 14.01 8.69
C TRP B 55 18.23 15.21 9.19
N GLY B 56 18.74 16.04 8.28
CA GLY B 56 19.51 17.21 8.63
C GLY B 56 18.73 18.23 9.46
N PRO B 57 17.53 18.60 9.02
CA PRO B 57 16.71 19.51 9.84
C PRO B 57 16.44 18.99 11.25
N GLU B 58 16.21 17.69 11.40
CA GLU B 58 15.98 17.12 12.72
C GLU B 58 17.27 16.74 13.43
N GLN B 59 18.39 16.61 12.70
CA GLN B 59 19.66 16.17 13.26
C GLN B 59 19.49 14.85 14.01
N ALA B 60 18.70 13.96 13.44
CA ALA B 60 18.28 12.68 14.01
C ALA B 60 17.38 12.86 15.22
N THR B 61 17.11 14.10 15.63
CA THR B 61 16.26 14.43 16.77
C THR B 61 16.42 13.47 17.93
N GLY B 62 15.29 12.99 18.47
CA GLY B 62 15.32 12.00 19.52
C GLY B 62 14.99 10.62 18.99
N LEU B 63 15.23 10.40 17.70
CA LEU B 63 14.89 9.13 17.08
C LEU B 63 15.66 8.00 17.75
N PRO B 64 14.98 7.01 18.32
CA PRO B 64 15.72 5.89 18.93
C PRO B 64 16.58 5.12 17.95
N LEU B 65 16.16 4.98 16.70
CA LEU B 65 16.85 4.17 15.72
C LEU B 65 17.30 5.03 14.55
N ASP B 66 18.16 4.46 13.72
CA ASP B 66 18.60 5.09 12.49
C ASP B 66 17.67 4.71 11.35
N VAL B 67 17.61 5.58 10.34
CA VAL B 67 16.73 5.38 9.19
C VAL B 67 17.52 5.63 7.91
N ASN B 68 17.46 4.68 6.98
CA ASN B 68 17.94 4.87 5.62
C ASN B 68 16.73 5.12 4.74
N VAL B 69 16.73 6.22 4.01
CA VAL B 69 15.57 6.67 3.24
C VAL B 69 15.86 6.44 1.76
N VAL B 70 14.89 5.85 1.06
CA VAL B 70 14.93 5.72 -0.38
C VAL B 70 13.76 6.51 -0.94
N ALA B 71 14.06 7.46 -1.83
CA ALA B 71 13.09 8.42 -2.31
C ALA B 71 12.68 8.09 -3.73
N LEU B 72 11.37 8.02 -3.97
CA LEU B 72 10.79 7.81 -5.29
C LEU B 72 9.71 8.83 -5.52
N LEU B 73 9.62 9.33 -6.75
CA LEU B 73 8.66 10.37 -7.11
C LEU B 73 7.67 9.84 -8.14
N MET B 74 6.41 10.23 -7.98
CA MET B 74 5.34 9.87 -8.89
C MET B 74 4.57 11.13 -9.28
N ASN B 75 3.80 11.04 -10.36
CA ASN B 75 2.91 12.13 -10.75
C ASN B 75 1.45 11.75 -10.56
N ARG B 76 1.02 10.61 -11.09
CA ARG B 76 -0.34 10.10 -10.92
C ARG B 76 -0.28 8.58 -10.92
N THR B 77 -1.07 7.97 -10.03
CA THR B 77 -0.98 6.54 -9.78
C THR B 77 -2.11 5.80 -10.48
N ASP B 78 -1.80 4.57 -10.91
CA ASP B 78 -2.73 3.64 -11.50
C ASP B 78 -2.71 2.34 -10.70
N PRO B 79 -3.78 1.54 -10.76
CA PRO B 79 -3.79 0.28 -10.00
C PRO B 79 -2.66 -0.67 -10.37
N LYS B 80 -2.11 -0.57 -11.58
CA LYS B 80 -0.99 -1.44 -11.94
C LYS B 80 0.35 -0.76 -11.68
N SER B 81 0.44 0.55 -11.91
CA SER B 81 1.69 1.25 -11.65
C SER B 81 2.04 1.21 -10.16
N LEU B 82 1.04 1.38 -9.30
CA LEU B 82 1.29 1.31 -7.86
C LEU B 82 1.86 -0.03 -7.46
N ILE B 83 1.23 -1.11 -7.93
CA ILE B 83 1.67 -2.46 -7.58
C ILE B 83 3.07 -2.72 -8.10
N THR B 84 3.34 -2.34 -9.34
CA THR B 84 4.67 -2.54 -9.91
C THR B 84 5.73 -1.79 -9.10
N HIS B 85 5.45 -0.53 -8.74
CA HIS B 85 6.40 0.25 -7.96
C HIS B 85 6.68 -0.40 -6.61
N VAL B 86 5.62 -0.82 -5.91
CA VAL B 86 5.81 -1.39 -4.59
C VAL B 86 6.60 -2.69 -4.66
N CYS B 87 6.27 -3.56 -5.62
CA CYS B 87 6.98 -4.83 -5.72
C CYS B 87 8.43 -4.63 -6.13
N ASP B 88 8.69 -3.68 -7.03
CA ASP B 88 10.07 -3.38 -7.39
C ASP B 88 10.86 -2.85 -6.20
N LEU B 89 10.24 -1.99 -5.39
CA LEU B 89 10.89 -1.52 -4.18
C LEU B 89 11.20 -2.66 -3.23
N MET B 90 10.25 -3.58 -3.05
CA MET B 90 10.47 -4.69 -2.12
C MET B 90 11.56 -5.63 -2.59
N SER B 91 11.67 -5.84 -3.90
CA SER B 91 12.67 -6.80 -4.41
C SER B 91 14.09 -6.33 -4.11
N GLY B 92 14.35 -5.03 -4.18
CA GLY B 92 15.72 -4.54 -4.14
C GLY B 92 16.41 -4.72 -2.80
N ALA B 93 15.70 -4.44 -1.71
CA ALA B 93 16.30 -4.46 -0.37
C ALA B 93 15.26 -4.93 0.63
N ARG B 94 15.58 -4.77 1.91
CA ARG B 94 14.68 -5.14 3.01
C ARG B 94 13.95 -3.88 3.48
N ILE B 95 12.63 -3.91 3.42
CA ILE B 95 11.80 -2.75 3.66
C ILE B 95 11.07 -2.91 4.99
N HIS B 96 11.12 -1.88 5.84
CA HIS B 96 10.50 -1.90 7.15
C HIS B 96 9.31 -0.95 7.28
N GLY B 97 9.03 -0.15 6.26
CA GLY B 97 7.94 0.80 6.36
C GLY B 97 7.70 1.48 5.02
N LEU B 98 6.71 2.37 5.01
CA LEU B 98 6.36 3.08 3.79
C LEU B 98 5.49 4.28 4.14
N VAL B 99 5.92 5.46 3.69
CA VAL B 99 5.16 6.70 3.85
C VAL B 99 4.72 7.13 2.47
N PHE B 100 3.41 7.23 2.27
CA PHE B 100 2.83 7.49 0.96
C PHE B 100 2.04 8.80 1.00
N GLY B 101 2.25 9.64 -0.01
CA GLY B 101 1.51 10.87 -0.15
C GLY B 101 1.50 11.36 -1.58
N ASP B 102 0.32 11.64 -2.13
CA ASP B 102 0.18 11.97 -3.54
C ASP B 102 -0.60 13.26 -3.70
N ASP B 103 -0.92 13.58 -4.95
CA ASP B 103 -1.74 14.73 -5.28
C ASP B 103 -3.07 14.35 -5.93
N THR B 104 -3.27 13.06 -6.25
CA THR B 104 -4.54 12.60 -6.78
C THR B 104 -5.56 12.52 -5.65
N ASP B 105 -6.80 12.91 -5.94
CA ASP B 105 -7.86 12.99 -4.93
C ASP B 105 -8.90 11.90 -5.21
N GLN B 106 -8.65 10.71 -4.66
CA GLN B 106 -9.58 9.60 -4.75
C GLN B 106 -9.51 8.77 -3.47
N GLU B 107 -10.54 7.94 -3.26
CA GLU B 107 -10.51 6.96 -2.19
C GLU B 107 -10.03 5.59 -2.66
N ALA B 108 -10.03 5.35 -3.98
CA ALA B 108 -9.52 4.10 -4.50
C ALA B 108 -8.03 3.94 -4.19
N VAL B 109 -7.30 5.04 -4.10
CA VAL B 109 -5.90 4.96 -3.73
C VAL B 109 -5.75 4.44 -2.30
N ALA B 110 -6.59 4.93 -1.39
CA ALA B 110 -6.55 4.43 -0.02
C ALA B 110 -6.94 2.96 0.05
N GLN B 111 -7.94 2.56 -0.73
CA GLN B 111 -8.31 1.14 -0.75
C GLN B 111 -7.18 0.27 -1.30
N MET B 112 -6.50 0.74 -2.35
CA MET B 112 -5.38 -0.01 -2.90
C MET B 112 -4.23 -0.12 -1.90
N LEU B 113 -3.96 0.96 -1.17
CA LEU B 113 -2.92 0.92 -0.14
C LEU B 113 -3.29 -0.07 0.95
N ASP B 114 -4.55 -0.10 1.37
CA ASP B 114 -4.98 -1.08 2.36
C ASP B 114 -4.79 -2.50 1.85
N PHE B 115 -5.14 -2.75 0.59
CA PHE B 115 -4.96 -4.08 0.00
C PHE B 115 -3.50 -4.48 -0.04
N ILE B 116 -2.62 -3.57 -0.45
CA ILE B 116 -1.20 -3.88 -0.54
C ILE B 116 -0.61 -4.14 0.84
N SER B 117 -0.99 -3.33 1.83
CA SER B 117 -0.50 -3.56 3.18
C SER B 117 -0.96 -4.91 3.71
N SER B 118 -2.23 -5.25 3.49
CA SER B 118 -2.74 -6.55 3.94
C SER B 118 -2.03 -7.71 3.26
N GLN B 119 -1.62 -7.53 2.00
CA GLN B 119 -1.00 -8.63 1.27
C GLN B 119 0.50 -8.74 1.48
N THR B 120 1.18 -7.67 1.91
CA THR B 120 2.63 -7.72 2.04
C THR B 120 3.15 -7.52 3.47
N PHE B 121 2.30 -7.21 4.44
CA PHE B 121 2.70 -7.06 5.83
C PHE B 121 3.70 -5.92 6.01
N ILE B 122 3.33 -4.74 5.51
CA ILE B 122 4.14 -3.53 5.64
C ILE B 122 3.32 -2.46 6.34
N PRO B 123 3.90 -1.68 7.26
CA PRO B 123 3.19 -0.51 7.78
C PRO B 123 3.21 0.63 6.76
N ILE B 124 2.03 1.16 6.46
CA ILE B 124 1.87 2.24 5.49
C ILE B 124 1.18 3.40 6.16
N LEU B 125 1.67 4.61 5.90
CA LEU B 125 1.08 5.85 6.43
C LEU B 125 0.67 6.73 5.27
N GLY B 126 -0.61 7.10 5.21
CA GLY B 126 -1.10 8.05 4.24
C GLY B 126 -1.19 9.42 4.88
N ILE B 127 -0.44 10.36 4.32
CA ILE B 127 -0.28 11.67 4.95
C ILE B 127 -0.90 12.81 4.15
N HIS B 128 -1.00 12.68 2.83
CA HIS B 128 -1.49 13.79 2.02
C HIS B 128 -2.09 13.26 0.73
N GLY B 129 -3.11 13.95 0.24
CA GLY B 129 -3.75 13.60 -1.02
C GLY B 129 -4.89 12.64 -0.87
N GLY B 130 -5.02 11.69 -1.80
CA GLY B 130 -6.07 10.69 -1.72
C GLY B 130 -5.87 9.67 -0.63
N ALA B 131 -4.63 9.47 -0.19
CA ALA B 131 -4.37 8.51 0.89
C ALA B 131 -4.89 9.02 2.23
N SER B 132 -4.81 10.33 2.45
CA SER B 132 -5.22 10.90 3.72
C SER B 132 -6.72 10.81 3.96
N MET B 133 -7.51 10.55 2.92
CA MET B 133 -8.96 10.45 3.08
C MET B 133 -9.29 9.24 3.95
N ILE B 134 -10.10 9.47 4.98
CA ILE B 134 -10.38 8.41 5.95
C ILE B 134 -11.32 7.38 5.34
N MET B 135 -11.11 6.12 5.68
CA MET B 135 -11.99 5.02 5.29
C MET B 135 -12.25 4.13 6.49
N ALA B 136 -13.51 3.77 6.69
CA ALA B 136 -13.90 2.97 7.84
C ALA B 136 -13.74 1.49 7.53
N ASP B 137 -13.89 0.68 8.59
CA ASP B 137 -13.83 -0.78 8.54
C ASP B 137 -12.70 -1.29 7.64
N LYS B 138 -11.47 -0.95 8.04
CA LYS B 138 -10.30 -1.50 7.39
C LYS B 138 -10.18 -2.99 7.70
N ASP B 139 -9.45 -3.69 6.84
CA ASP B 139 -9.25 -5.13 7.04
C ASP B 139 -8.44 -5.37 8.31
N PRO B 140 -8.87 -6.28 9.18
CA PRO B 140 -8.17 -6.46 10.47
C PRO B 140 -6.77 -7.04 10.37
N THR B 141 -6.35 -7.55 9.21
CA THR B 141 -5.00 -8.08 9.05
C THR B 141 -4.03 -7.08 8.43
N SER B 142 -4.45 -5.85 8.20
CA SER B 142 -3.60 -4.84 7.61
C SER B 142 -3.09 -3.87 8.68
N THR B 143 -2.16 -3.02 8.28
CA THR B 143 -1.47 -2.08 9.16
C THR B 143 -1.45 -0.69 8.54
N PHE B 144 -2.61 -0.24 8.05
CA PHE B 144 -2.72 1.01 7.32
C PHE B 144 -3.29 2.09 8.24
N PHE B 145 -2.59 3.22 8.33
CA PHE B 145 -2.99 4.34 9.19
C PHE B 145 -2.93 5.63 8.40
N GLN B 146 -3.84 6.56 8.70
CA GLN B 146 -4.01 7.76 7.91
C GLN B 146 -3.98 9.01 8.78
N PHE B 147 -3.63 10.13 8.16
CA PHE B 147 -3.64 11.45 8.80
C PHE B 147 -4.93 12.16 8.41
N GLY B 148 -5.95 12.00 9.23
CA GLY B 148 -7.22 12.65 8.97
C GLY B 148 -8.14 12.54 10.17
N ALA B 149 -9.18 13.38 10.14
CA ALA B 149 -10.20 13.39 11.17
C ALA B 149 -11.44 12.65 10.70
N SER B 150 -12.16 12.05 11.63
CA SER B 150 -13.34 11.28 11.32
C SER B 150 -14.59 12.15 11.40
N ILE B 151 -15.69 11.59 10.86
CA ILE B 151 -16.95 12.33 10.83
C ILE B 151 -17.47 12.59 12.24
N GLN B 152 -17.22 11.67 13.17
CA GLN B 152 -17.62 11.90 14.56
C GLN B 152 -16.90 13.09 15.16
N GLN B 153 -15.60 13.22 14.90
CA GLN B 153 -14.86 14.37 15.41
C GLN B 153 -15.30 15.67 14.74
N GLN B 154 -15.62 15.60 13.44
CA GLN B 154 -16.16 16.78 12.77
C GLN B 154 -17.49 17.21 13.38
N ALA B 155 -18.35 16.24 13.68
CA ALA B 155 -19.61 16.58 14.36
C ALA B 155 -19.35 17.15 15.75
N THR B 156 -18.34 16.64 16.44
CA THR B 156 -18.02 17.15 17.76
C THR B 156 -17.62 18.62 17.70
N VAL B 157 -16.74 18.98 16.76
CA VAL B 157 -16.31 20.37 16.67
C VAL B 157 -17.46 21.27 16.20
N MET B 158 -18.32 20.76 15.31
CA MET B 158 -19.48 21.54 14.89
C MET B 158 -20.40 21.83 16.08
N LEU B 159 -20.68 20.82 16.90
CA LEU B 159 -21.51 21.04 18.07
C LEU B 159 -20.84 21.98 19.06
N LYS B 160 -19.51 21.88 19.19
CA LYS B 160 -18.80 22.80 20.07
C LYS B 160 -18.99 24.24 19.64
N ILE B 161 -18.87 24.51 18.33
CA ILE B 161 -19.02 25.89 17.87
C ILE B 161 -20.46 26.35 18.04
N MET B 162 -21.43 25.46 17.79
CA MET B 162 -22.83 25.84 17.98
C MET B 162 -23.10 26.22 19.43
N GLN B 163 -22.61 25.40 20.37
CA GLN B 163 -22.79 25.70 21.78
C GLN B 163 -22.08 26.99 22.17
N ASP B 164 -20.92 27.25 21.57
CA ASP B 164 -20.18 28.46 21.91
C ASP B 164 -20.93 29.71 21.47
N TYR B 165 -21.61 29.65 20.33
CA TYR B 165 -22.37 30.79 19.83
C TYR B 165 -23.83 30.75 20.25
N ASP B 166 -24.12 30.16 21.41
CA ASP B 166 -25.45 30.03 22.01
C ASP B 166 -26.54 29.71 20.99
N TRP B 167 -26.25 28.80 20.06
CA TRP B 167 -27.24 28.31 19.10
C TRP B 167 -27.73 26.97 19.62
N HIS B 168 -28.68 27.01 20.55
CA HIS B 168 -29.16 25.81 21.21
C HIS B 168 -30.32 25.14 20.49
N VAL B 169 -30.85 25.74 19.42
CA VAL B 169 -31.94 25.18 18.65
C VAL B 169 -31.44 24.98 17.22
N PHE B 170 -31.66 23.78 16.67
CA PHE B 170 -31.16 23.50 15.33
C PHE B 170 -32.03 22.43 14.68
N SER B 171 -31.71 22.11 13.44
CA SER B 171 -32.42 21.13 12.64
C SER B 171 -31.41 20.34 11.82
N LEU B 172 -31.81 19.14 11.41
CA LEU B 172 -30.92 18.22 10.70
C LEU B 172 -31.54 17.88 9.35
N VAL B 173 -30.79 18.13 8.29
CA VAL B 173 -31.22 17.84 6.92
C VAL B 173 -30.15 16.96 6.29
N THR B 174 -30.51 15.72 5.95
CA THR B 174 -29.57 14.77 5.39
C THR B 174 -30.13 14.18 4.10
N THR B 175 -29.33 13.36 3.44
CA THR B 175 -29.69 12.68 2.22
C THR B 175 -29.33 11.20 2.35
N ILE B 176 -29.44 10.48 1.23
CA ILE B 176 -29.23 9.03 1.22
C ILE B 176 -27.73 8.71 1.14
N PHE B 177 -26.90 9.75 1.11
CA PHE B 177 -25.47 9.55 1.01
C PHE B 177 -24.97 8.75 2.22
N PRO B 178 -24.09 7.78 2.01
CA PRO B 178 -23.69 6.89 3.12
C PRO B 178 -23.09 7.65 4.29
N GLY B 179 -23.37 7.17 5.49
CA GLY B 179 -22.89 7.79 6.72
C GLY B 179 -23.94 8.59 7.47
N TYR B 180 -25.10 8.84 6.86
CA TYR B 180 -26.09 9.69 7.53
C TYR B 180 -26.66 9.02 8.77
N ARG B 181 -26.79 7.69 8.76
CA ARG B 181 -27.32 6.99 9.92
C ARG B 181 -26.44 7.22 11.15
N ASP B 182 -25.14 6.95 11.01
CA ASP B 182 -24.23 7.14 12.13
C ASP B 182 -24.07 8.62 12.49
N PHE B 183 -24.10 9.50 11.50
CA PHE B 183 -24.06 10.94 11.80
C PHE B 183 -25.21 11.34 12.71
N ILE B 184 -26.43 10.91 12.35
CA ILE B 184 -27.62 11.25 13.15
C ILE B 184 -27.52 10.62 14.54
N SER B 185 -27.10 9.36 14.61
CA SER B 185 -27.01 8.69 15.90
C SER B 185 -26.03 9.39 16.83
N PHE B 186 -24.86 9.74 16.30
CA PHE B 186 -23.88 10.47 17.10
C PHE B 186 -24.41 11.82 17.53
N ILE B 187 -25.12 12.52 16.63
CA ILE B 187 -25.69 13.82 16.97
C ILE B 187 -26.62 13.69 18.18
N LYS B 188 -27.54 12.72 18.12
CA LYS B 188 -28.48 12.54 19.22
C LYS B 188 -27.77 12.21 20.52
N THR B 189 -26.87 11.22 20.46
CA THR B 189 -26.19 10.76 21.68
C THR B 189 -25.40 11.89 22.33
N THR B 190 -24.71 12.70 21.53
CA THR B 190 -23.99 13.83 22.09
C THR B 190 -24.95 14.91 22.59
N VAL B 191 -26.13 15.03 21.98
CA VAL B 191 -27.07 16.08 22.35
C VAL B 191 -27.62 15.84 23.75
N ASP B 192 -27.85 14.56 24.11
CA ASP B 192 -28.68 14.32 25.30
C ASP B 192 -27.97 14.50 26.65
N ASN B 193 -26.78 15.11 26.76
CA ASN B 193 -25.95 14.95 27.97
C ASN B 193 -25.22 16.22 28.46
N SER B 194 -25.93 17.32 28.76
CA SER B 194 -25.20 18.55 29.09
C SER B 194 -25.73 19.24 30.36
N PHE B 195 -25.18 20.43 30.63
CA PHE B 195 -25.71 21.43 31.56
C PHE B 195 -26.22 22.63 30.79
N VAL B 196 -26.13 22.54 29.46
CA VAL B 196 -26.68 23.50 28.51
C VAL B 196 -28.20 23.34 28.39
N GLY B 197 -28.65 22.14 28.01
CA GLY B 197 -30.05 21.94 27.61
C GLY B 197 -30.40 22.25 26.16
N TRP B 198 -29.90 21.43 25.23
CA TRP B 198 -30.19 21.58 23.81
C TRP B 198 -31.70 21.55 23.53
N ASP B 199 -32.07 22.04 22.34
CA ASP B 199 -33.46 22.16 21.90
C ASP B 199 -33.62 21.72 20.44
N MET B 200 -33.11 20.54 20.10
CA MET B 200 -33.19 20.06 18.73
C MET B 200 -34.64 19.99 18.25
N GLN B 201 -34.85 20.31 16.96
CA GLN B 201 -36.18 20.50 16.41
C GLN B 201 -36.68 19.29 15.62
N ASN B 202 -35.98 18.91 14.56
CA ASN B 202 -36.49 17.88 13.67
C ASN B 202 -35.35 17.26 12.88
N VAL B 203 -35.64 16.12 12.24
CA VAL B 203 -34.70 15.40 11.41
C VAL B 203 -35.39 15.12 10.08
N ILE B 204 -35.00 15.86 9.04
CA ILE B 204 -35.60 15.72 7.72
C ILE B 204 -34.69 14.88 6.85
N THR B 205 -35.27 13.88 6.18
CA THR B 205 -34.52 12.96 5.34
C THR B 205 -35.14 12.90 3.96
N LEU B 206 -34.28 12.90 2.94
CA LEU B 206 -34.71 12.76 1.56
C LEU B 206 -34.47 11.33 1.10
N ASP B 207 -35.46 10.74 0.43
CA ASP B 207 -35.40 9.34 0.04
C ASP B 207 -34.72 9.16 -1.32
N ASP B 212 -40.64 17.49 -5.63
CA ASP B 212 -41.49 18.51 -5.02
C ASP B 212 -42.90 18.01 -4.72
N ALA B 213 -43.11 16.69 -4.74
CA ALA B 213 -44.39 16.09 -4.38
C ALA B 213 -44.34 15.31 -3.09
N LYS B 214 -43.15 15.02 -2.56
CA LYS B 214 -42.97 14.42 -1.25
C LYS B 214 -41.93 15.12 -0.39
N THR B 215 -41.02 15.90 -0.99
CA THR B 215 -40.03 16.68 -0.27
C THR B 215 -40.44 18.14 -0.11
N GLN B 216 -41.49 18.57 -0.83
CA GLN B 216 -42.06 19.90 -0.60
C GLN B 216 -42.56 20.01 0.84
N VAL B 217 -43.18 18.96 1.35
CA VAL B 217 -43.59 18.92 2.75
C VAL B 217 -42.37 19.11 3.65
N GLN B 218 -41.31 18.35 3.40
CA GLN B 218 -40.14 18.38 4.26
C GLN B 218 -39.50 19.77 4.28
N LEU B 219 -39.42 20.41 3.12
CA LEU B 219 -38.86 21.76 3.07
C LEU B 219 -39.83 22.82 3.56
N LYS B 220 -41.08 22.46 3.85
CA LYS B 220 -42.03 23.46 4.40
C LYS B 220 -42.11 23.40 5.93
N LYS B 221 -41.27 22.61 6.59
CA LYS B 221 -41.45 22.44 8.06
C LYS B 221 -40.21 22.90 8.84
N ILE B 222 -39.42 23.82 8.27
CA ILE B 222 -38.16 24.24 8.95
C ILE B 222 -38.23 25.73 9.30
N HIS B 223 -37.88 26.09 10.54
CA HIS B 223 -37.90 27.52 10.95
C HIS B 223 -36.60 27.86 11.69
N SER B 224 -35.99 26.88 12.37
CA SER B 224 -34.77 27.14 13.17
C SER B 224 -33.70 27.76 12.29
N SER B 225 -33.02 28.79 12.79
CA SER B 225 -31.94 29.45 12.03
C SER B 225 -30.87 28.42 11.64
N VAL B 226 -30.42 27.60 12.60
CA VAL B 226 -29.31 26.64 12.31
C VAL B 226 -29.84 25.47 11.47
N ILE B 227 -29.05 24.99 10.50
CA ILE B 227 -29.44 23.88 9.63
C ILE B 227 -28.17 23.10 9.28
N LEU B 228 -27.95 21.97 9.96
CA LEU B 228 -26.79 21.13 9.69
C LEU B 228 -27.10 20.22 8.51
N LEU B 229 -26.39 20.41 7.40
CA LEU B 229 -26.64 19.66 6.18
C LEU B 229 -25.64 18.53 6.04
N TYR B 230 -26.06 17.46 5.36
CA TYR B 230 -25.19 16.31 5.12
C TYR B 230 -25.53 15.70 3.78
N CYS B 231 -24.67 15.92 2.79
CA CYS B 231 -24.83 15.38 1.44
C CYS B 231 -23.52 15.57 0.70
N SER B 232 -23.54 15.32 -0.60
CA SER B 232 -22.41 15.61 -1.46
C SER B 232 -22.55 17.02 -2.03
N LYS B 233 -21.52 17.49 -2.74
CA LYS B 233 -21.57 18.83 -3.32
C LYS B 233 -22.63 18.93 -4.41
N ASP B 234 -22.73 17.91 -5.27
CA ASP B 234 -23.63 17.95 -6.41
C ASP B 234 -25.09 17.96 -6.00
N GLU B 235 -25.40 17.51 -4.78
CA GLU B 235 -26.75 17.62 -4.24
C GLU B 235 -26.91 18.84 -3.34
N ALA B 236 -25.83 19.24 -2.66
CA ALA B 236 -25.87 20.43 -1.82
C ALA B 236 -26.17 21.67 -2.64
N VAL B 237 -25.62 21.76 -3.84
CA VAL B 237 -25.89 22.93 -4.69
C VAL B 237 -27.38 23.07 -4.94
N LEU B 238 -28.04 21.96 -5.30
CA LEU B 238 -29.47 22.01 -5.61
C LEU B 238 -30.31 22.28 -4.38
N ILE B 239 -30.00 21.61 -3.26
CA ILE B 239 -30.77 21.83 -2.04
C ILE B 239 -30.65 23.28 -1.59
N LEU B 240 -29.43 23.81 -1.63
CA LEU B 240 -29.19 25.18 -1.19
C LEU B 240 -29.87 26.18 -2.12
N SER B 241 -29.84 25.93 -3.44
CA SER B 241 -30.52 26.82 -4.37
C SER B 241 -32.03 26.85 -4.10
N GLU B 242 -32.63 25.68 -3.87
CA GLU B 242 -34.06 25.66 -3.58
C GLU B 242 -34.38 26.39 -2.29
N ALA B 243 -33.56 26.17 -1.25
CA ALA B 243 -33.79 26.86 0.02
C ALA B 243 -33.68 28.37 -0.13
N ARG B 244 -32.67 28.84 -0.88
CA ARG B 244 -32.55 30.27 -1.16
C ARG B 244 -33.79 30.79 -1.86
N SER B 245 -34.23 30.10 -2.92
CA SER B 245 -35.36 30.61 -3.68
C SER B 245 -36.66 30.58 -2.89
N LEU B 246 -36.75 29.75 -1.86
CA LEU B 246 -37.95 29.76 -1.01
C LEU B 246 -37.87 30.74 0.15
N GLY B 247 -36.67 31.09 0.59
CA GLY B 247 -36.56 32.07 1.66
C GLY B 247 -35.88 31.55 2.90
N LEU B 248 -34.91 30.65 2.73
CA LEU B 248 -34.11 30.14 3.84
C LEU B 248 -32.69 30.71 3.84
N THR B 249 -32.49 31.92 3.32
CA THR B 249 -31.19 32.56 3.32
C THR B 249 -31.33 34.02 3.71
N GLY B 250 -30.27 34.58 4.29
CA GLY B 250 -30.25 35.99 4.62
C GLY B 250 -29.40 36.41 5.81
N TYR B 251 -30.03 37.12 6.75
CA TYR B 251 -29.35 37.64 7.93
C TYR B 251 -29.13 36.55 8.97
N ASP B 252 -30.21 35.97 9.47
CA ASP B 252 -30.15 34.96 10.52
C ASP B 252 -30.60 33.62 9.93
N PHE B 253 -29.65 32.94 9.27
CA PHE B 253 -29.85 31.57 8.81
C PHE B 253 -28.46 30.97 8.66
N PHE B 254 -28.06 30.17 9.64
CA PHE B 254 -26.69 29.68 9.73
C PHE B 254 -26.63 28.25 9.20
N TRP B 255 -26.01 28.08 8.04
CA TRP B 255 -25.81 26.78 7.43
C TRP B 255 -24.41 26.27 7.75
N ILE B 256 -24.33 25.09 8.36
CA ILE B 256 -23.07 24.47 8.71
C ILE B 256 -22.98 23.14 7.96
N VAL B 257 -21.86 22.90 7.29
CA VAL B 257 -21.67 21.68 6.51
C VAL B 257 -20.31 21.08 6.84
N PRO B 258 -20.21 19.76 6.77
CA PRO B 258 -18.95 19.08 7.08
C PRO B 258 -17.94 19.24 5.95
N SER B 259 -16.78 18.61 6.13
CA SER B 259 -15.70 18.74 5.14
C SER B 259 -16.03 18.07 3.82
N LEU B 260 -17.07 17.23 3.77
CA LEU B 260 -17.48 16.61 2.52
C LEU B 260 -18.08 17.59 1.53
N VAL B 261 -18.83 18.59 2.02
CA VAL B 261 -19.46 19.58 1.15
C VAL B 261 -18.49 20.68 0.73
N SER B 262 -17.48 20.99 1.54
CA SER B 262 -16.45 21.97 1.21
C SER B 262 -15.14 21.20 1.10
N GLY B 263 -14.87 20.70 -0.10
CA GLY B 263 -13.68 19.89 -0.33
C GLY B 263 -12.55 20.67 -0.97
N ASN B 264 -12.41 20.53 -2.29
CA ASN B 264 -11.38 21.27 -3.01
C ASN B 264 -11.67 22.76 -2.95
N THR B 265 -10.80 23.51 -2.26
CA THR B 265 -10.94 24.95 -2.20
C THR B 265 -10.65 25.57 -3.56
N GLU B 266 -11.20 26.76 -3.78
CA GLU B 266 -11.16 27.47 -5.06
C GLU B 266 -11.96 26.76 -6.14
N LEU B 267 -12.96 25.96 -5.74
CA LEU B 267 -13.95 25.40 -6.64
C LEU B 267 -15.36 25.78 -6.18
N ILE B 268 -15.51 26.98 -5.64
CA ILE B 268 -16.78 27.40 -5.03
C ILE B 268 -17.84 27.54 -6.12
N PRO B 269 -18.97 26.86 -6.01
CA PRO B 269 -20.02 27.00 -7.03
C PRO B 269 -20.62 28.40 -7.02
N LYS B 270 -21.44 28.66 -8.03
CA LYS B 270 -22.04 29.98 -8.20
C LYS B 270 -23.03 30.32 -7.11
N GLU B 271 -23.56 29.33 -6.39
CA GLU B 271 -24.57 29.57 -5.37
C GLU B 271 -24.15 28.90 -4.06
N PHE B 272 -23.29 29.59 -3.31
CA PHE B 272 -22.96 29.24 -1.93
C PHE B 272 -23.07 30.54 -1.13
N PRO B 273 -23.95 30.62 -0.15
CA PRO B 273 -24.18 31.91 0.52
C PRO B 273 -22.96 32.34 1.33
N SER B 274 -22.73 33.65 1.37
CA SER B 274 -21.63 34.19 2.14
C SER B 274 -21.98 34.13 3.62
N GLY B 275 -21.29 33.27 4.36
CA GLY B 275 -21.61 33.07 5.76
C GLY B 275 -21.69 31.60 6.12
N LEU B 276 -21.26 30.74 5.20
CA LEU B 276 -21.18 29.31 5.48
C LEU B 276 -20.13 29.05 6.55
N ILE B 277 -20.34 27.99 7.32
CA ILE B 277 -19.38 27.52 8.31
C ILE B 277 -19.06 26.06 7.99
N SER B 278 -17.79 25.72 7.96
CA SER B 278 -17.38 24.37 7.61
C SER B 278 -16.09 24.03 8.33
N VAL B 279 -15.80 22.73 8.40
CA VAL B 279 -14.59 22.21 9.03
C VAL B 279 -13.71 21.60 7.95
N SER B 280 -12.40 21.74 8.13
CA SER B 280 -11.45 21.18 7.18
C SER B 280 -10.11 20.96 7.86
N TYR B 281 -9.36 19.97 7.36
CA TYR B 281 -8.04 19.67 7.87
C TYR B 281 -7.07 20.80 7.52
N ASP B 282 -6.12 21.04 8.42
CA ASP B 282 -5.23 22.21 8.31
C ASP B 282 -4.28 22.01 7.14
N ASP B 283 -4.56 22.70 6.04
CA ASP B 283 -3.67 22.71 4.88
C ASP B 283 -2.98 24.06 4.70
N TRP B 284 -3.05 24.94 5.69
CA TRP B 284 -2.46 26.27 5.60
C TRP B 284 -1.15 26.40 6.36
N ASP B 285 -0.99 25.71 7.49
CA ASP B 285 0.21 25.78 8.29
C ASP B 285 0.92 24.44 8.47
N TYR B 286 0.27 23.33 8.15
CA TYR B 286 0.89 22.02 8.24
C TYR B 286 1.54 21.70 6.90
N SER B 287 2.84 21.49 6.90
CA SER B 287 3.61 21.32 5.67
C SER B 287 3.99 19.86 5.46
N LEU B 288 4.24 19.52 4.19
CA LEU B 288 4.66 18.16 3.85
C LEU B 288 5.97 17.80 4.53
N GLU B 289 6.92 18.74 4.55
CA GLU B 289 8.18 18.47 5.22
C GLU B 289 7.97 18.15 6.69
N ALA B 290 7.00 18.80 7.33
CA ALA B 290 6.72 18.52 8.73
C ALA B 290 6.05 17.17 8.92
N ARG B 291 5.05 16.85 8.09
CA ARG B 291 4.32 15.61 8.31
C ARG B 291 5.11 14.37 7.90
N VAL B 292 6.00 14.46 6.91
CA VAL B 292 6.88 13.34 6.61
C VAL B 292 7.79 13.05 7.80
N ARG B 293 8.34 14.11 8.41
CA ARG B 293 9.19 13.95 9.59
C ARG B 293 8.40 13.35 10.75
N ASP B 294 7.15 13.79 10.93
CA ASP B 294 6.32 13.21 11.98
C ASP B 294 6.06 11.73 11.74
N GLY B 295 5.80 11.35 10.49
CA GLY B 295 5.60 9.94 10.18
C GLY B 295 6.85 9.11 10.43
N LEU B 296 8.02 9.66 10.08
CA LEU B 296 9.27 8.97 10.39
C LEU B 296 9.44 8.79 11.88
N GLY B 297 9.12 9.81 12.67
CA GLY B 297 9.21 9.69 14.12
C GLY B 297 8.28 8.63 14.67
N ILE B 298 7.05 8.59 14.18
CA ILE B 298 6.07 7.60 14.65
C ILE B 298 6.57 6.19 14.33
N LEU B 299 7.03 5.97 13.10
CA LEU B 299 7.51 4.64 12.72
C LEU B 299 8.73 4.24 13.56
N THR B 300 9.65 5.18 13.78
CA THR B 300 10.84 4.86 14.56
C THR B 300 10.47 4.49 16.00
N THR B 301 9.55 5.24 16.61
CA THR B 301 9.15 4.94 17.98
C THR B 301 8.46 3.58 18.06
N ALA B 302 7.58 3.28 17.09
CA ALA B 302 6.90 1.98 17.10
C ALA B 302 7.90 0.84 16.96
N ALA B 303 8.87 0.98 16.05
CA ALA B 303 9.87 -0.07 15.87
C ALA B 303 10.74 -0.23 17.11
N SER B 304 11.10 0.88 17.76
CA SER B 304 11.91 0.78 18.98
C SER B 304 11.14 0.05 20.07
N SER B 305 9.85 0.37 20.23
CA SER B 305 9.05 -0.34 21.23
C SER B 305 8.94 -1.82 20.90
N MET B 306 8.77 -2.15 19.61
CA MET B 306 8.71 -3.56 19.22
C MET B 306 10.01 -4.29 19.55
N LEU B 307 11.15 -3.65 19.25
CA LEU B 307 12.44 -4.28 19.51
C LEU B 307 12.69 -4.46 21.00
N GLU B 308 12.25 -3.49 21.81
CA GLU B 308 12.47 -3.57 23.25
C GLU B 308 11.77 -4.79 23.86
N LYS B 309 10.53 -5.05 23.43
CA LYS B 309 9.78 -6.17 23.97
C LYS B 309 10.32 -7.50 23.46
N PHE B 310 10.26 -7.70 22.14
CA PHE B 310 10.79 -8.89 21.50
C PHE B 310 11.99 -8.50 20.65
N SER B 311 13.05 -9.30 20.71
CA SER B 311 14.32 -8.87 20.15
C SER B 311 14.41 -9.11 18.65
N TYR B 312 13.42 -8.62 17.90
CA TYR B 312 13.49 -8.63 16.44
C TYR B 312 12.45 -7.66 15.91
N ILE B 313 12.78 -7.03 14.79
CA ILE B 313 11.91 -6.07 14.11
C ILE B 313 11.36 -6.72 12.85
N PRO B 314 10.05 -6.78 12.66
CA PRO B 314 9.49 -7.45 11.47
C PRO B 314 9.80 -6.68 10.21
N GLU B 315 9.83 -7.41 9.10
CA GLU B 315 10.07 -6.83 7.78
C GLU B 315 9.11 -7.45 6.78
N ALA B 316 9.16 -6.94 5.55
CA ALA B 316 8.30 -7.46 4.49
C ALA B 316 8.82 -8.81 4.00
N LYS B 317 7.98 -9.50 3.23
CA LYS B 317 8.32 -10.81 2.72
C LYS B 317 9.32 -10.69 1.56
N ALA B 318 9.60 -11.81 0.91
CA ALA B 318 10.64 -11.83 -0.12
C ALA B 318 10.19 -11.10 -1.38
N SER B 319 9.05 -11.51 -1.95
CA SER B 319 8.60 -10.93 -3.21
C SER B 319 7.09 -11.02 -3.31
N CYS B 320 6.52 -10.19 -4.17
CA CYS B 320 5.09 -10.23 -4.42
C CYS B 320 4.68 -11.55 -5.07
N TYR B 321 5.45 -12.03 -6.03
CA TYR B 321 5.09 -13.17 -6.85
C TYR B 321 5.57 -14.45 -6.17
N GLY B 322 4.62 -15.29 -5.76
CA GLY B 322 4.98 -16.53 -5.10
C GLY B 322 3.75 -17.34 -4.78
N GLN B 323 3.97 -18.43 -4.05
CA GLN B 323 2.89 -19.31 -3.66
C GLN B 323 3.20 -20.02 -2.34
N GLU B 328 2.51 -16.00 8.06
CA GLU B 328 1.58 -14.90 8.11
C GLU B 328 1.92 -13.93 9.23
N THR B 329 3.18 -13.98 9.67
CA THR B 329 3.67 -13.20 10.81
C THR B 329 2.74 -13.32 12.01
N PRO B 330 2.51 -14.54 12.51
CA PRO B 330 1.53 -14.72 13.58
C PRO B 330 2.03 -14.31 14.96
N LEU B 331 3.35 -14.21 15.15
CA LEU B 331 3.89 -13.91 16.46
C LEU B 331 3.46 -12.53 16.93
N HIS B 332 3.92 -11.47 16.27
CA HIS B 332 3.62 -10.11 16.71
C HIS B 332 3.65 -9.18 15.50
N THR B 333 2.99 -8.03 15.65
CA THR B 333 2.96 -7.00 14.63
C THR B 333 3.03 -5.64 15.29
N LEU B 334 3.27 -4.61 14.49
CA LEU B 334 3.30 -3.23 14.98
C LEU B 334 1.92 -2.68 15.24
N HIS B 335 0.89 -3.52 15.22
CA HIS B 335 -0.49 -3.07 15.40
C HIS B 335 -0.83 -2.77 16.85
N GLN B 336 0.04 -3.12 17.80
CA GLN B 336 -0.24 -2.91 19.22
C GLN B 336 0.75 -1.99 19.91
N PHE B 337 1.89 -1.70 19.31
CA PHE B 337 2.91 -0.85 19.93
C PHE B 337 2.75 0.61 19.56
N MET B 338 1.77 0.96 18.74
CA MET B 338 1.46 2.35 18.43
C MET B 338 0.10 2.77 19.00
N VAL B 339 -0.33 2.11 20.07
CA VAL B 339 -1.52 2.57 20.79
C VAL B 339 -1.26 3.94 21.41
N ASN B 340 -0.09 4.12 22.02
CA ASN B 340 0.34 5.45 22.47
C ASN B 340 1.79 5.65 22.07
N VAL B 341 2.05 6.78 21.41
CA VAL B 341 3.39 7.12 20.90
C VAL B 341 3.58 8.61 21.11
N THR B 342 4.53 8.98 21.96
CA THR B 342 4.89 10.37 22.17
C THR B 342 6.21 10.66 21.48
N TRP B 343 6.22 11.71 20.66
CA TRP B 343 7.40 12.07 19.88
C TRP B 343 7.57 13.57 19.89
N ASP B 344 8.73 14.05 20.35
CA ASP B 344 9.06 15.47 20.37
C ASP B 344 8.01 16.27 21.12
N GLY B 345 7.58 15.74 22.27
CA GLY B 345 6.62 16.43 23.10
C GLY B 345 5.17 16.13 22.76
N LYS B 346 4.76 16.45 21.54
CA LYS B 346 3.38 16.25 21.15
C LYS B 346 3.03 14.77 21.10
N ASP B 347 1.77 14.46 21.44
CA ASP B 347 1.29 13.08 21.47
C ASP B 347 0.77 12.72 20.09
N LEU B 348 1.53 11.89 19.37
CA LEU B 348 1.18 11.45 18.03
C LEU B 348 0.51 10.08 18.02
N SER B 349 -0.12 9.70 19.13
CA SER B 349 -0.72 8.38 19.25
C SER B 349 -1.96 8.27 18.37
N PHE B 350 -2.32 7.04 18.06
CA PHE B 350 -3.52 6.71 17.29
C PHE B 350 -4.56 6.06 18.20
N THR B 351 -5.68 5.66 17.61
CA THR B 351 -6.73 4.96 18.29
C THR B 351 -6.77 3.50 17.84
N GLU B 352 -7.77 2.76 18.32
CA GLU B 352 -7.90 1.35 17.99
C GLU B 352 -8.50 1.12 16.60
N GLU B 353 -8.93 2.17 15.91
CA GLU B 353 -9.57 2.04 14.61
C GLU B 353 -8.83 2.78 13.50
N GLY B 354 -7.64 3.30 13.79
CA GLY B 354 -6.86 4.01 12.79
C GLY B 354 -7.02 5.51 12.76
N TYR B 355 -7.63 6.10 13.80
CA TYR B 355 -7.81 7.53 13.88
C TYR B 355 -6.78 8.14 14.83
N GLN B 356 -6.44 9.39 14.55
CA GLN B 356 -5.58 10.13 15.46
C GLN B 356 -6.36 10.54 16.71
N VAL B 357 -5.63 10.95 17.74
CA VAL B 357 -6.25 11.43 18.97
C VAL B 357 -6.25 12.95 18.96
N HIS B 358 -5.28 13.55 18.29
CA HIS B 358 -5.14 15.01 18.23
C HIS B 358 -5.04 15.44 16.77
N PRO B 359 -6.14 15.36 16.02
CA PRO B 359 -6.12 15.85 14.64
C PRO B 359 -6.10 17.37 14.61
N ARG B 360 -5.49 17.89 13.53
CA ARG B 360 -5.35 19.37 13.36
C ARG B 360 -6.49 19.89 12.50
N LEU B 361 -7.68 20.04 13.07
CA LEU B 361 -8.85 20.55 12.39
C LEU B 361 -8.92 22.06 12.53
N VAL B 362 -9.49 22.72 11.51
CA VAL B 362 -9.63 24.17 11.49
C VAL B 362 -11.03 24.51 11.03
N VAL B 363 -11.45 25.73 11.33
CA VAL B 363 -12.79 26.22 11.01
C VAL B 363 -12.67 27.33 9.97
N ILE B 364 -13.54 27.28 8.95
CA ILE B 364 -13.46 28.19 7.82
C ILE B 364 -14.83 28.80 7.56
N VAL B 365 -14.80 29.94 6.87
CA VAL B 365 -16.01 30.68 6.49
C VAL B 365 -15.81 31.26 5.11
N LEU B 366 -16.91 31.43 4.38
CA LEU B 366 -16.89 31.99 3.03
C LEU B 366 -17.21 33.47 3.12
N ASN B 367 -16.17 34.31 3.00
CA ASN B 367 -16.34 35.74 3.20
C ASN B 367 -16.78 36.40 1.90
N LYS B 368 -16.90 37.72 1.93
CA LYS B 368 -17.50 38.46 0.81
C LYS B 368 -16.68 38.31 -0.47
N ASP B 369 -15.36 38.16 -0.36
CA ASP B 369 -14.53 37.96 -1.54
C ASP B 369 -14.63 36.55 -2.12
N ARG B 370 -15.57 35.74 -1.61
CA ARG B 370 -15.94 34.47 -2.22
C ARG B 370 -14.80 33.46 -2.20
N GLU B 371 -14.14 33.34 -1.04
CA GLU B 371 -13.19 32.27 -0.81
C GLU B 371 -13.19 31.93 0.67
N TRP B 372 -12.82 30.71 0.99
CA TRP B 372 -12.82 30.27 2.39
C TRP B 372 -11.71 30.96 3.16
N GLU B 373 -12.02 31.34 4.40
CA GLU B 373 -11.12 32.07 5.27
C GLU B 373 -11.09 31.43 6.64
N LYS B 374 -9.94 31.45 7.30
CA LYS B 374 -9.81 30.89 8.63
C LYS B 374 -10.62 31.71 9.63
N VAL B 375 -11.38 31.02 10.48
CA VAL B 375 -12.25 31.70 11.43
C VAL B 375 -12.09 31.11 12.83
N GLY B 376 -11.46 29.94 12.93
CA GLY B 376 -11.26 29.31 14.22
C GLY B 376 -10.40 28.08 14.09
N LYS B 377 -9.78 27.69 15.20
CA LYS B 377 -8.85 26.58 15.23
C LYS B 377 -9.24 25.60 16.33
N TRP B 378 -9.09 24.31 16.03
CA TRP B 378 -9.33 23.24 17.00
C TRP B 378 -7.99 22.67 17.44
N GLU B 379 -7.80 22.60 18.76
CA GLU B 379 -6.58 22.07 19.34
C GLU B 379 -6.89 21.63 20.75
N ASN B 380 -6.15 20.62 21.22
CA ASN B 380 -6.38 20.01 22.53
C ASN B 380 -7.80 19.47 22.53
N GLN B 381 -8.74 20.03 23.31
CA GLN B 381 -10.14 19.63 23.25
C GLN B 381 -11.06 20.84 23.32
N THR B 382 -10.57 22.01 22.92
CA THR B 382 -11.38 23.22 22.96
C THR B 382 -10.99 24.10 21.78
N LEU B 383 -11.99 24.51 21.00
CA LEU B 383 -11.74 25.40 19.88
C LEU B 383 -11.43 26.81 20.38
N SER B 384 -10.81 27.60 19.51
CA SER B 384 -10.40 28.97 19.84
C SER B 384 -10.78 29.87 18.68
N LEU B 385 -11.88 30.60 18.83
CA LEU B 385 -12.37 31.50 17.81
C LEU B 385 -11.71 32.87 17.96
N ARG B 386 -11.72 33.63 16.86
CA ARG B 386 -11.03 34.91 16.82
C ARG B 386 -11.97 36.10 16.77
N HIS B 387 -13.28 35.88 16.68
CA HIS B 387 -14.26 36.96 16.67
C HIS B 387 -15.05 37.08 17.97
N ALA B 388 -15.44 35.94 18.54
CA ALA B 388 -16.06 35.84 19.86
C ALA B 388 -17.45 36.49 19.89
N VAL B 389 -17.82 37.15 18.80
CA VAL B 389 -19.19 37.56 18.55
C VAL B 389 -19.38 37.52 17.03
N TRP B 390 -20.35 36.75 16.58
CA TRP B 390 -20.43 36.44 15.16
C TRP B 390 -20.75 37.69 14.36
N PRO B 391 -19.89 38.10 13.43
CA PRO B 391 -20.24 39.22 12.55
C PRO B 391 -21.41 38.85 11.66
N ARG B 392 -21.98 39.81 10.95
CA ARG B 392 -23.12 39.56 10.09
C ARG B 392 -22.62 39.43 8.66
N TYR B 393 -22.84 38.26 8.06
CA TYR B 393 -22.52 38.01 6.66
C TYR B 393 -23.82 37.98 5.87
N LYS B 394 -23.93 38.84 4.86
CA LYS B 394 -25.08 38.87 3.98
C LYS B 394 -24.75 38.16 2.69
N SER B 395 -25.74 37.48 2.11
CA SER B 395 -25.54 36.68 0.92
C SER B 395 -26.28 37.27 -0.28
N PHE B 396 -25.74 37.00 -1.48
CA PHE B 396 -26.40 37.28 -2.75
C PHE B 396 -26.69 38.76 -2.96
N SER B 397 -25.81 39.63 -2.45
CA SER B 397 -25.93 41.08 -2.61
C SER B 397 -27.30 41.59 -2.17
N GLN C 21 33.05 -8.33 21.28
CA GLN C 21 33.11 -8.37 19.82
C GLN C 21 32.40 -9.60 19.27
N VAL C 22 31.85 -9.47 18.06
CA VAL C 22 31.11 -10.56 17.44
C VAL C 22 32.09 -11.62 16.97
N GLN C 23 31.78 -12.89 17.28
CA GLN C 23 32.63 -14.01 16.92
C GLN C 23 31.77 -15.21 16.55
N LEU C 24 32.17 -15.94 15.52
CA LEU C 24 31.47 -17.12 15.05
C LEU C 24 32.44 -18.28 14.96
N GLN C 25 32.00 -19.46 15.38
CA GLN C 25 32.83 -20.66 15.39
C GLN C 25 32.01 -21.85 14.92
N GLN C 26 32.66 -22.76 14.20
CA GLN C 26 31.99 -23.89 13.59
C GLN C 26 32.64 -25.20 14.02
N SER C 27 32.02 -26.31 13.62
CA SER C 27 32.49 -27.63 13.97
C SER C 27 33.73 -28.00 13.14
N GLY C 28 34.20 -29.23 13.32
CA GLY C 28 35.38 -29.71 12.65
C GLY C 28 35.08 -30.37 11.32
N ALA C 29 36.06 -31.14 10.83
CA ALA C 29 35.93 -31.81 9.56
C ALA C 29 34.94 -32.97 9.65
N GLU C 30 34.51 -33.44 8.48
CA GLU C 30 33.54 -34.53 8.39
C GLU C 30 34.01 -35.56 7.37
N LEU C 31 33.57 -36.80 7.56
CA LEU C 31 33.92 -37.90 6.67
C LEU C 31 32.92 -39.03 6.88
N MET C 32 32.38 -39.56 5.79
CA MET C 32 31.33 -40.60 5.97
C MET C 32 31.21 -41.48 4.72
N LYS C 33 31.09 -42.80 4.93
CA LYS C 33 30.85 -43.71 3.78
C LYS C 33 29.63 -43.16 3.04
N PRO C 34 29.65 -43.02 1.69
CA PRO C 34 28.54 -42.36 0.98
C PRO C 34 27.13 -42.82 1.41
N GLY C 35 26.22 -41.88 1.66
CA GLY C 35 24.83 -42.24 1.98
C GLY C 35 24.35 -41.70 3.32
N ALA C 36 25.18 -40.93 4.03
CA ALA C 36 24.80 -40.46 5.36
C ALA C 36 24.25 -39.04 5.30
N SER C 37 24.05 -38.44 6.48
CA SER C 37 23.62 -37.06 6.61
C SER C 37 24.52 -36.35 7.62
N VAL C 38 24.66 -35.04 7.44
CA VAL C 38 25.61 -34.26 8.24
C VAL C 38 24.90 -33.09 8.90
N LYS C 39 25.44 -32.66 10.03
CA LYS C 39 24.93 -31.52 10.78
C LYS C 39 26.10 -30.63 11.19
N ILE C 40 25.95 -29.32 11.02
CA ILE C 40 27.00 -28.35 11.28
C ILE C 40 26.45 -27.25 12.18
N SER C 41 27.26 -26.80 13.13
CA SER C 41 26.86 -25.80 14.10
C SER C 41 27.65 -24.52 13.91
N CYS C 42 27.06 -23.40 14.35
CA CYS C 42 27.67 -22.08 14.26
C CYS C 42 27.22 -21.30 15.48
N LYS C 43 28.17 -20.85 16.30
CA LYS C 43 27.88 -20.23 17.59
C LYS C 43 28.24 -18.75 17.57
N ALA C 44 27.42 -17.93 18.22
CA ALA C 44 27.61 -16.49 18.31
C ALA C 44 27.78 -16.07 19.75
N THR C 45 28.83 -15.29 20.04
CA THR C 45 29.16 -14.92 21.41
C THR C 45 29.43 -13.44 21.56
N GLY C 46 28.80 -12.59 20.75
CA GLY C 46 29.10 -11.18 20.85
C GLY C 46 27.95 -10.20 20.70
N TYR C 47 26.72 -10.68 20.49
CA TYR C 47 25.61 -9.77 20.21
C TYR C 47 24.30 -10.44 20.64
N THR C 48 23.19 -9.85 20.22
CA THR C 48 21.86 -10.42 20.47
C THR C 48 21.52 -11.38 19.34
N PHE C 49 21.57 -12.68 19.64
CA PHE C 49 21.53 -13.71 18.60
C PHE C 49 20.24 -13.72 17.81
N ARG C 50 19.18 -13.10 18.31
CA ARG C 50 17.85 -13.22 17.72
C ARG C 50 17.46 -12.03 16.84
N SER C 51 18.42 -11.20 16.44
CA SER C 51 18.11 -9.98 15.72
C SER C 51 18.65 -9.93 14.29
N TYR C 52 19.69 -10.70 13.96
CA TYR C 52 20.34 -10.62 12.67
C TYR C 52 20.23 -11.95 11.93
N TRP C 53 19.96 -11.87 10.63
CA TRP C 53 19.87 -13.07 9.81
C TRP C 53 21.23 -13.76 9.72
N ILE C 54 21.21 -15.08 9.54
CA ILE C 54 22.40 -15.89 9.35
C ILE C 54 22.30 -16.56 7.99
N GLU C 55 23.37 -16.48 7.21
CA GLU C 55 23.39 -17.04 5.87
C GLU C 55 24.40 -18.18 5.78
N TRP C 56 24.11 -19.14 4.90
CA TRP C 56 24.98 -20.27 4.64
C TRP C 56 25.41 -20.25 3.18
N LEU C 57 26.69 -20.48 2.94
CA LEU C 57 27.26 -20.48 1.59
C LEU C 57 28.01 -21.78 1.36
N LYS C 58 28.14 -22.17 0.10
CA LYS C 58 28.91 -23.32 -0.30
C LYS C 58 30.05 -22.89 -1.23
N GLN C 59 31.23 -23.46 -1.02
CA GLN C 59 32.37 -23.20 -1.89
C GLN C 59 32.93 -24.54 -2.37
N ARG C 60 32.93 -24.73 -3.69
CA ARG C 60 33.52 -25.90 -4.32
C ARG C 60 35.03 -25.72 -4.37
N PRO C 61 35.78 -26.71 -4.91
CA PRO C 61 37.24 -26.55 -4.94
C PRO C 61 37.73 -25.42 -5.85
N GLY C 62 37.60 -24.20 -5.35
CA GLY C 62 38.22 -23.03 -5.96
C GLY C 62 37.70 -22.61 -7.31
N HIS C 63 36.37 -22.63 -7.51
CA HIS C 63 35.83 -22.06 -8.74
C HIS C 63 34.54 -21.29 -8.49
N GLY C 64 34.32 -20.77 -7.29
CA GLY C 64 33.17 -19.93 -7.04
C GLY C 64 32.45 -20.17 -5.73
N LEU C 65 31.36 -19.44 -5.52
CA LEU C 65 30.54 -19.54 -4.32
C LEU C 65 29.08 -19.62 -4.71
N GLU C 66 28.24 -20.09 -3.79
CA GLU C 66 26.81 -20.15 -4.01
C GLU C 66 26.10 -19.64 -2.75
N TRP C 67 24.79 -19.81 -2.71
CA TRP C 67 23.98 -19.29 -1.60
C TRP C 67 22.84 -20.27 -1.37
N ILE C 68 22.69 -20.72 -0.12
CA ILE C 68 21.73 -21.78 0.20
C ILE C 68 20.45 -21.20 0.78
N GLY C 69 20.56 -20.50 1.90
CA GLY C 69 19.38 -19.93 2.54
C GLY C 69 19.79 -19.16 3.77
N GLU C 70 18.77 -18.62 4.45
CA GLU C 70 19.01 -17.83 5.65
C GLU C 70 17.91 -18.09 6.67
N ILE C 71 18.22 -17.81 7.93
CA ILE C 71 17.33 -18.04 9.05
C ILE C 71 17.40 -16.85 10.01
N LEU C 72 16.24 -16.40 10.48
CA LEU C 72 16.18 -15.37 11.50
C LEU C 72 15.76 -16.00 12.82
N PRO C 73 16.66 -16.12 13.80
CA PRO C 73 16.30 -16.82 15.05
C PRO C 73 15.17 -16.19 15.82
N GLY C 74 15.02 -14.86 15.76
CA GLY C 74 14.02 -14.21 16.57
C GLY C 74 12.59 -14.60 16.22
N SER C 75 12.31 -14.73 14.93
CA SER C 75 10.96 -15.07 14.47
C SER C 75 10.84 -16.47 13.91
N GLY C 76 11.95 -17.12 13.55
CA GLY C 76 11.89 -18.46 13.00
C GLY C 76 11.58 -18.56 11.53
N ARG C 77 11.53 -17.43 10.81
CA ARG C 77 11.30 -17.46 9.37
C ARG C 77 12.52 -17.99 8.63
N THR C 78 12.28 -18.72 7.55
CA THR C 78 13.35 -19.31 6.76
C THR C 78 13.07 -19.14 5.27
N ASN C 79 14.10 -18.83 4.51
CA ASN C 79 14.03 -18.76 3.06
C ASN C 79 15.15 -19.61 2.45
N TYR C 80 14.89 -20.13 1.25
CA TYR C 80 15.79 -21.08 0.63
C TYR C 80 16.05 -20.70 -0.83
N ASN C 81 16.98 -21.44 -1.43
CA ASN C 81 17.28 -21.35 -2.86
C ASN C 81 16.66 -22.55 -3.57
N GLU C 82 16.13 -22.31 -4.78
CA GLU C 82 15.45 -23.38 -5.49
C GLU C 82 16.40 -24.50 -5.90
N LYS C 83 17.68 -24.19 -6.11
CA LYS C 83 18.64 -25.24 -6.42
C LYS C 83 18.89 -26.15 -5.23
N PHE C 84 18.87 -25.60 -4.01
CA PHE C 84 19.07 -26.37 -2.80
C PHE C 84 17.78 -26.64 -2.05
N LYS C 85 16.63 -26.36 -2.66
CA LYS C 85 15.35 -26.64 -2.03
C LYS C 85 15.15 -28.14 -1.87
N GLY C 86 14.72 -28.54 -0.68
CA GLY C 86 14.47 -29.94 -0.40
C GLY C 86 15.70 -30.76 -0.07
N LYS C 87 16.88 -30.14 -0.04
CA LYS C 87 18.13 -30.83 0.26
C LYS C 87 18.78 -30.38 1.55
N ALA C 88 18.67 -29.10 1.88
CA ALA C 88 19.26 -28.54 3.09
C ALA C 88 18.16 -27.94 3.95
N THR C 89 18.20 -28.23 5.25
CA THR C 89 17.24 -27.71 6.21
C THR C 89 17.97 -26.88 7.25
N ILE C 90 17.52 -25.65 7.45
CA ILE C 90 18.17 -24.71 8.36
C ILE C 90 17.30 -24.59 9.60
N THR C 91 17.90 -24.83 10.77
CA THR C 91 17.21 -24.74 12.04
C THR C 91 18.08 -23.96 13.02
N ALA C 92 17.43 -23.36 14.02
CA ALA C 92 18.11 -22.53 14.99
C ALA C 92 17.71 -22.95 16.40
N ASP C 93 18.58 -22.67 17.37
CA ASP C 93 18.34 -22.94 18.78
C ASP C 93 18.65 -21.67 19.56
N THR C 94 17.60 -20.95 19.97
CA THR C 94 17.77 -19.67 20.63
C THR C 94 18.32 -19.78 22.05
N SER C 95 18.41 -21.00 22.60
CA SER C 95 18.94 -21.18 23.94
C SER C 95 20.46 -21.35 23.94
N SER C 96 20.98 -22.16 23.01
CA SER C 96 22.41 -22.40 22.91
C SER C 96 23.10 -21.46 21.94
N ASN C 97 22.35 -20.58 21.28
CA ASN C 97 22.91 -19.65 20.29
C ASN C 97 23.65 -20.40 19.19
N THR C 98 23.02 -21.45 18.68
CA THR C 98 23.60 -22.27 17.63
C THR C 98 22.66 -22.31 16.43
N ALA C 99 23.25 -22.22 15.23
CA ALA C 99 22.54 -22.37 13.98
C ALA C 99 22.90 -23.72 13.37
N TYR C 100 21.88 -24.46 12.91
CA TYR C 100 22.04 -25.84 12.51
C TYR C 100 21.69 -26.02 11.04
N MET C 101 22.55 -26.72 10.31
CA MET C 101 22.37 -27.03 8.90
C MET C 101 22.32 -28.55 8.73
N GLN C 102 21.27 -29.03 8.07
CA GLN C 102 20.99 -30.45 7.94
C GLN C 102 21.01 -30.83 6.45
N LEU C 103 22.13 -31.37 6.00
CA LEU C 103 22.21 -31.92 4.65
C LEU C 103 21.84 -33.39 4.66
N SER C 104 21.08 -33.81 3.64
CA SER C 104 20.59 -35.18 3.56
C SER C 104 20.81 -35.71 2.15
N SER C 105 20.90 -37.04 2.05
CA SER C 105 21.09 -37.74 0.78
C SER C 105 22.35 -37.24 0.06
N LEU C 106 23.49 -37.46 0.70
CA LEU C 106 24.76 -37.02 0.13
C LEU C 106 25.08 -37.76 -1.16
N THR C 107 25.69 -37.05 -2.10
CA THR C 107 26.16 -37.65 -3.34
C THR C 107 27.62 -37.27 -3.55
N SER C 108 28.17 -37.59 -4.72
CA SER C 108 29.57 -37.27 -5.00
C SER C 108 29.80 -35.80 -5.27
N GLU C 109 28.74 -34.99 -5.40
CA GLU C 109 28.85 -33.57 -5.69
C GLU C 109 28.74 -32.72 -4.43
N ASP C 110 28.71 -33.32 -3.24
CA ASP C 110 28.50 -32.59 -2.00
C ASP C 110 29.78 -32.40 -1.20
N SER C 111 30.95 -32.61 -1.81
CA SER C 111 32.23 -32.39 -1.12
C SER C 111 32.60 -30.92 -1.28
N ALA C 112 32.33 -30.12 -0.25
CA ALA C 112 32.56 -28.69 -0.33
C ALA C 112 32.68 -28.12 1.07
N VAL C 113 33.15 -26.87 1.15
CA VAL C 113 33.32 -26.14 2.40
C VAL C 113 32.16 -25.17 2.55
N TYR C 114 31.71 -24.97 3.79
CA TYR C 114 30.55 -24.15 4.09
C TYR C 114 30.90 -23.09 5.13
N TYR C 115 30.29 -21.92 4.99
CA TYR C 115 30.52 -20.79 5.88
C TYR C 115 29.20 -20.25 6.39
N CYS C 116 29.17 -19.86 7.67
CA CYS C 116 28.05 -19.11 8.24
C CYS C 116 28.47 -17.66 8.36
N THR C 117 27.67 -16.77 7.77
CA THR C 117 28.00 -15.35 7.72
C THR C 117 26.79 -14.52 8.16
N ARG C 118 27.07 -13.35 8.72
CA ARG C 118 26.04 -12.45 9.20
C ARG C 118 26.43 -11.02 8.87
N SER C 119 25.46 -10.24 8.39
CA SER C 119 25.70 -8.86 7.99
C SER C 119 25.69 -7.97 9.23
N ARG C 120 25.64 -6.66 8.98
CA ARG C 120 25.54 -5.64 10.06
C ARG C 120 24.37 -4.73 9.65
N GLY C 121 23.33 -4.60 10.46
CA GLY C 121 22.13 -3.90 10.06
C GLY C 121 22.23 -2.39 10.14
N THR C 122 23.11 -1.79 9.33
CA THR C 122 23.29 -0.35 9.32
C THR C 122 23.42 0.22 7.91
N MET C 123 23.23 -0.60 6.87
CA MET C 123 23.43 -0.17 5.50
C MET C 123 22.22 -0.56 4.67
N ILE C 124 22.20 -0.10 3.42
CA ILE C 124 21.12 -0.42 2.49
C ILE C 124 21.44 -1.66 1.66
N THR C 125 22.72 -2.01 1.51
CA THR C 125 23.11 -3.19 0.77
C THR C 125 22.97 -4.44 1.65
N ARG C 126 23.18 -5.60 1.03
CA ARG C 126 23.15 -6.89 1.71
C ARG C 126 24.50 -7.57 1.48
N GLU C 127 25.47 -7.28 2.34
CA GLU C 127 26.81 -7.81 2.23
C GLU C 127 27.09 -8.77 3.38
N PHE C 128 28.27 -9.38 3.33
CA PHE C 128 28.72 -10.32 4.36
C PHE C 128 29.96 -9.77 5.04
N THR C 129 29.95 -9.76 6.37
CA THR C 129 31.04 -9.19 7.15
C THR C 129 31.78 -10.21 8.00
N TYR C 130 31.08 -10.96 8.85
CA TYR C 130 31.71 -11.86 9.80
C TYR C 130 31.60 -13.30 9.31
N TRP C 131 32.75 -13.97 9.22
CA TRP C 131 32.86 -15.28 8.60
C TRP C 131 33.43 -16.29 9.60
N GLY C 132 32.85 -17.49 9.61
CA GLY C 132 33.41 -18.58 10.38
C GLY C 132 34.56 -19.26 9.67
N GLN C 133 35.19 -20.21 10.37
CA GLN C 133 36.34 -20.90 9.81
C GLN C 133 35.95 -21.76 8.61
N GLY C 134 34.88 -22.51 8.74
CA GLY C 134 34.42 -23.37 7.66
C GLY C 134 34.82 -24.81 7.88
N ALA C 135 33.95 -25.73 7.46
CA ALA C 135 34.13 -27.16 7.70
C ALA C 135 34.08 -27.90 6.38
N LEU C 136 35.05 -28.78 6.16
CA LEU C 136 35.19 -29.51 4.90
C LEU C 136 34.56 -30.89 5.05
N VAL C 137 33.45 -31.09 4.35
CA VAL C 137 32.79 -32.40 4.31
C VAL C 137 33.33 -33.18 3.12
N THR C 138 33.62 -34.46 3.32
CA THR C 138 34.13 -35.32 2.26
C THR C 138 33.25 -36.56 2.17
N VAL C 139 32.99 -37.01 0.94
CA VAL C 139 32.19 -38.21 0.73
C VAL C 139 33.08 -39.40 0.43
N ASP D 21 18.13 -14.58 -12.17
CA ASP D 21 19.19 -13.96 -11.37
C ASP D 21 20.05 -13.04 -12.22
N ILE D 22 21.13 -12.56 -11.64
CA ILE D 22 22.13 -11.75 -12.33
C ILE D 22 23.40 -12.58 -12.44
N VAL D 23 23.92 -12.69 -13.67
CA VAL D 23 25.10 -13.49 -13.94
C VAL D 23 26.29 -12.55 -14.13
N LEU D 24 27.30 -12.72 -13.29
CA LEU D 24 28.51 -11.90 -13.36
C LEU D 24 29.53 -12.53 -14.30
N THR D 25 30.59 -11.77 -14.57
CA THR D 25 31.68 -12.25 -15.42
C THR D 25 32.92 -11.43 -15.12
N GLN D 26 34.06 -12.10 -14.92
CA GLN D 26 35.31 -11.45 -14.61
C GLN D 26 36.36 -11.78 -15.65
N SER D 27 37.11 -10.77 -16.08
CA SER D 27 38.23 -10.95 -16.99
C SER D 27 39.39 -10.08 -16.52
N PRO D 28 40.63 -10.58 -16.64
CA PRO D 28 41.03 -11.91 -17.10
C PRO D 28 40.94 -12.94 -15.97
N ALA D 29 40.82 -14.23 -16.30
CA ALA D 29 40.80 -15.25 -15.26
C ALA D 29 42.11 -15.29 -14.49
N SER D 30 43.23 -15.19 -15.20
CA SER D 30 44.55 -15.15 -14.59
C SER D 30 45.24 -13.84 -14.99
N LEU D 31 45.85 -13.18 -14.01
CA LEU D 31 46.55 -11.93 -14.25
C LEU D 31 47.93 -12.01 -13.63
N ALA D 32 48.93 -11.52 -14.36
CA ALA D 32 50.32 -11.53 -13.92
C ALA D 32 50.88 -10.12 -14.10
N VAL D 33 51.19 -9.45 -13.00
CA VAL D 33 51.62 -8.06 -13.02
C VAL D 33 52.88 -7.90 -12.19
N SER D 34 53.73 -6.96 -12.60
CA SER D 34 54.92 -6.64 -11.84
C SER D 34 54.56 -5.91 -10.55
N LEU D 35 55.48 -5.93 -9.60
CA LEU D 35 55.27 -5.29 -8.31
C LEU D 35 55.57 -3.81 -8.41
N GLY D 36 54.57 -2.97 -8.12
CA GLY D 36 54.81 -1.55 -8.01
C GLY D 36 53.86 -0.62 -8.74
N GLN D 37 53.44 -0.99 -9.96
CA GLN D 37 52.68 -0.02 -10.76
C GLN D 37 51.20 0.00 -10.37
N ARG D 38 50.48 -1.08 -10.66
CA ARG D 38 49.05 -1.18 -10.37
C ARG D 38 48.49 -2.53 -10.81
N ALA D 39 47.23 -2.78 -10.51
CA ALA D 39 46.51 -3.94 -11.01
C ALA D 39 45.06 -3.54 -11.26
N THR D 40 44.49 -4.05 -12.35
CA THR D 40 43.12 -3.72 -12.74
C THR D 40 42.31 -4.99 -12.93
N ILE D 41 41.07 -4.96 -12.44
CA ILE D 41 40.15 -6.08 -12.54
C ILE D 41 38.78 -5.54 -12.94
N SER D 42 38.12 -6.20 -13.89
CA SER D 42 36.82 -5.78 -14.38
C SER D 42 35.80 -6.90 -14.16
N CYS D 43 34.56 -6.49 -13.86
CA CYS D 43 33.48 -7.44 -13.60
C CYS D 43 32.19 -6.85 -14.16
N ARG D 44 31.71 -7.42 -15.26
CA ARG D 44 30.55 -6.92 -15.98
C ARG D 44 29.36 -7.84 -15.73
N ALA D 45 28.21 -7.27 -15.44
CA ALA D 45 27.00 -8.01 -15.10
C ALA D 45 26.08 -8.12 -16.30
N SER D 46 25.16 -9.08 -16.23
CA SER D 46 24.21 -9.28 -17.30
C SER D 46 23.12 -8.20 -17.32
N GLU D 47 22.67 -7.78 -16.14
CA GLU D 47 21.59 -6.80 -16.04
C GLU D 47 22.03 -5.67 -15.11
N SER D 48 21.34 -4.54 -15.23
CA SER D 48 21.62 -3.40 -14.38
C SER D 48 21.31 -3.71 -12.93
N VAL D 49 22.16 -3.24 -12.02
CA VAL D 49 22.02 -3.49 -10.59
C VAL D 49 21.71 -2.23 -9.81
N GLU D 50 21.55 -1.08 -10.47
CA GLU D 50 21.29 0.16 -9.76
C GLU D 50 19.93 0.12 -9.07
N TYR D 51 19.87 0.67 -7.86
CA TYR D 51 18.67 0.66 -7.03
C TYR D 51 18.45 2.08 -6.49
N TYR D 52 17.75 2.90 -7.26
CA TYR D 52 17.34 4.24 -6.84
C TYR D 52 18.52 5.07 -6.34
N GLY D 53 19.58 5.12 -7.14
CA GLY D 53 20.72 5.96 -6.85
C GLY D 53 21.84 5.31 -6.06
N THR D 54 21.78 4.01 -5.81
CA THR D 54 22.83 3.31 -5.08
C THR D 54 23.13 2.00 -5.79
N THR D 55 24.24 1.97 -6.54
CA THR D 55 24.65 0.75 -7.20
C THR D 55 25.09 -0.28 -6.17
N LEU D 56 24.70 -1.54 -6.39
CA LEU D 56 24.95 -2.63 -5.46
C LEU D 56 26.03 -3.53 -6.04
N MET D 57 27.25 -3.41 -5.50
CA MET D 57 28.37 -4.23 -5.97
C MET D 57 29.43 -4.26 -4.88
N GLN D 58 29.94 -5.45 -4.58
CA GLN D 58 30.90 -5.66 -3.51
C GLN D 58 32.12 -6.39 -4.04
N TRP D 59 33.29 -6.05 -3.49
CA TRP D 59 34.55 -6.70 -3.84
C TRP D 59 35.13 -7.37 -2.61
N TYR D 60 35.68 -8.56 -2.80
CA TYR D 60 36.17 -9.38 -1.70
C TYR D 60 37.62 -9.80 -1.96
N GLN D 61 38.32 -10.12 -0.88
CA GLN D 61 39.66 -10.67 -0.93
C GLN D 61 39.68 -11.96 -0.13
N GLN D 62 40.22 -13.02 -0.72
CA GLN D 62 40.23 -14.34 -0.08
C GLN D 62 41.63 -14.95 -0.17
N LYS D 63 42.36 -14.90 0.95
CA LYS D 63 43.63 -15.59 1.03
C LYS D 63 43.42 -17.11 0.98
N PRO D 64 44.39 -17.87 0.49
CA PRO D 64 44.23 -19.33 0.45
C PRO D 64 44.03 -19.90 1.84
N GLY D 65 43.06 -20.81 1.95
CA GLY D 65 42.77 -21.46 3.22
C GLY D 65 42.04 -20.62 4.23
N GLN D 66 41.55 -19.44 3.85
CA GLN D 66 40.89 -18.54 4.79
C GLN D 66 39.57 -18.06 4.21
N PRO D 67 38.62 -17.67 5.06
CA PRO D 67 37.39 -17.08 4.55
C PRO D 67 37.64 -15.73 3.93
N PRO D 68 36.80 -15.29 3.00
CA PRO D 68 37.03 -14.01 2.32
C PRO D 68 36.83 -12.82 3.25
N LYS D 69 37.22 -11.65 2.75
CA LYS D 69 37.15 -10.40 3.49
C LYS D 69 36.54 -9.33 2.61
N LEU D 70 35.59 -8.58 3.16
CA LEU D 70 34.95 -7.50 2.41
C LEU D 70 35.92 -6.34 2.23
N LEU D 71 36.02 -5.84 0.99
CA LEU D 71 36.88 -4.72 0.66
C LEU D 71 36.09 -3.47 0.30
N ILE D 72 35.22 -3.56 -0.70
CA ILE D 72 34.42 -2.44 -1.19
C ILE D 72 32.96 -2.84 -1.14
N TYR D 73 32.11 -1.92 -0.68
CA TYR D 73 30.66 -2.11 -0.74
C TYR D 73 30.04 -0.93 -1.46
N ALA D 74 28.90 -1.18 -2.10
CA ALA D 74 28.18 -0.20 -2.90
C ALA D 74 29.01 0.33 -4.07
N ALA D 75 30.05 -0.41 -4.45
CA ALA D 75 30.90 -0.19 -5.62
C ALA D 75 31.76 1.07 -5.53
N SER D 76 31.58 1.91 -4.51
CA SER D 76 32.38 3.12 -4.39
C SER D 76 32.88 3.41 -2.98
N ASN D 77 32.35 2.76 -1.95
CA ASN D 77 32.72 3.05 -0.57
C ASN D 77 33.72 2.00 -0.09
N VAL D 78 34.88 2.45 0.35
CA VAL D 78 35.87 1.55 0.92
C VAL D 78 35.46 1.19 2.36
N ASP D 79 36.03 0.11 2.87
CA ASP D 79 35.67 -0.40 4.19
C ASP D 79 36.73 0.03 5.20
N SER D 80 36.25 0.52 6.35
CA SER D 80 37.14 0.97 7.40
C SER D 80 37.94 -0.21 7.96
N GLY D 81 39.23 0.02 8.17
CA GLY D 81 40.14 -1.04 8.58
C GLY D 81 40.89 -1.70 7.45
N VAL D 82 40.98 -1.06 6.28
CA VAL D 82 41.65 -1.63 5.12
C VAL D 82 42.65 -0.61 4.59
N PRO D 83 43.73 -1.02 3.93
CA PRO D 83 44.68 -0.05 3.38
C PRO D 83 44.02 0.82 2.31
N ALA D 84 44.52 2.05 2.19
CA ALA D 84 43.97 3.01 1.25
C ALA D 84 44.31 2.71 -0.20
N ARG D 85 45.21 1.74 -0.46
CA ARG D 85 45.60 1.45 -1.82
C ARG D 85 44.46 0.85 -2.65
N PHE D 86 43.44 0.29 -2.00
CA PHE D 86 42.31 -0.29 -2.69
C PHE D 86 41.27 0.78 -3.01
N SER D 87 40.74 0.73 -4.23
CA SER D 87 39.71 1.67 -4.65
C SER D 87 38.94 1.07 -5.83
N GLY D 88 37.65 1.39 -5.89
CA GLY D 88 36.81 0.87 -6.95
C GLY D 88 35.82 1.92 -7.41
N SER D 89 35.43 1.80 -8.68
CA SER D 89 34.48 2.74 -9.27
C SER D 89 33.80 2.06 -10.45
N GLY D 90 32.66 2.60 -10.83
CA GLY D 90 31.87 2.08 -11.92
C GLY D 90 30.39 2.24 -11.65
N SER D 91 29.58 2.09 -12.69
CA SER D 91 28.14 2.24 -12.59
C SER D 91 27.49 1.46 -13.73
N GLY D 92 26.16 1.42 -13.69
CA GLY D 92 25.39 0.75 -14.72
C GLY D 92 25.54 -0.76 -14.69
N THR D 93 26.19 -1.32 -15.71
CA THR D 93 26.43 -2.75 -15.78
C THR D 93 27.91 -3.11 -15.86
N ASP D 94 28.80 -2.14 -16.01
CA ASP D 94 30.23 -2.39 -16.08
C ASP D 94 30.90 -1.78 -14.85
N PHE D 95 31.68 -2.59 -14.15
CA PHE D 95 32.33 -2.19 -12.91
C PHE D 95 33.79 -2.61 -12.94
N SER D 96 34.61 -1.91 -12.15
CA SER D 96 36.04 -2.16 -12.14
C SER D 96 36.60 -1.90 -10.75
N LEU D 97 37.78 -2.51 -10.50
CA LEU D 97 38.49 -2.31 -9.21
C LEU D 97 39.99 -2.21 -9.53
N ASN D 98 40.65 -1.16 -9.05
CA ASN D 98 42.06 -0.92 -9.32
C ASN D 98 42.79 -0.74 -8.00
N ILE D 99 43.94 -1.40 -7.87
CA ILE D 99 44.77 -1.32 -6.67
C ILE D 99 46.12 -0.74 -7.05
N HIS D 100 46.66 0.11 -6.20
CA HIS D 100 47.93 0.79 -6.46
C HIS D 100 48.50 1.37 -5.18
N PRO D 101 49.78 1.11 -4.88
CA PRO D 101 50.75 0.30 -5.63
C PRO D 101 50.58 -1.19 -5.39
N VAL D 102 51.36 -2.02 -6.08
CA VAL D 102 51.31 -3.46 -5.88
C VAL D 102 52.29 -3.85 -4.79
N GLU D 103 51.82 -4.64 -3.83
CA GLU D 103 52.63 -5.05 -2.69
C GLU D 103 52.43 -6.55 -2.47
N GLU D 104 52.88 -7.05 -1.32
CA GLU D 104 52.70 -8.44 -0.95
C GLU D 104 51.28 -8.76 -0.50
N ASP D 105 50.35 -7.81 -0.65
CA ASP D 105 48.96 -8.05 -0.28
C ASP D 105 48.16 -8.68 -1.40
N ASP D 106 48.47 -8.34 -2.65
CA ASP D 106 47.68 -8.79 -3.80
C ASP D 106 48.18 -10.13 -4.33
N ILE D 107 48.16 -11.13 -3.44
CA ILE D 107 48.50 -12.50 -3.78
C ILE D 107 47.31 -13.43 -3.68
N ALA D 108 46.12 -12.89 -3.42
CA ALA D 108 44.92 -13.69 -3.25
C ALA D 108 43.96 -13.45 -4.41
N MET D 109 42.85 -14.21 -4.39
CA MET D 109 41.83 -14.06 -5.41
C MET D 109 40.88 -12.92 -5.05
N TYR D 110 40.14 -12.46 -6.06
CA TYR D 110 39.20 -11.36 -5.89
C TYR D 110 37.87 -11.72 -6.55
N PHE D 111 36.78 -11.28 -5.94
CA PHE D 111 35.44 -11.62 -6.40
C PHE D 111 34.57 -10.38 -6.45
N CYS D 112 33.47 -10.48 -7.19
CA CYS D 112 32.44 -9.45 -7.23
C CYS D 112 31.09 -10.08 -6.95
N GLN D 113 30.29 -9.41 -6.13
CA GLN D 113 29.00 -9.91 -5.71
C GLN D 113 27.93 -8.84 -5.90
N GLN D 114 26.76 -9.26 -6.37
CA GLN D 114 25.62 -8.36 -6.55
C GLN D 114 24.53 -8.72 -5.55
N SER D 115 23.85 -7.69 -5.03
CA SER D 115 22.76 -7.88 -4.09
C SER D 115 21.46 -7.23 -4.58
N ARG D 116 21.33 -7.02 -5.89
CA ARG D 116 20.12 -6.40 -6.41
C ARG D 116 18.95 -7.38 -6.42
N LYS D 117 19.21 -8.63 -6.77
CA LYS D 117 18.17 -9.65 -6.88
C LYS D 117 18.47 -10.84 -5.98
N VAL D 118 17.43 -11.37 -5.35
CA VAL D 118 17.56 -12.61 -4.59
C VAL D 118 17.43 -13.79 -5.55
N PRO D 119 18.33 -14.78 -5.50
CA PRO D 119 19.48 -14.92 -4.60
C PRO D 119 20.72 -14.18 -5.08
N SER D 120 21.66 -13.94 -4.18
CA SER D 120 22.90 -13.27 -4.54
C SER D 120 23.83 -14.22 -5.29
N THR D 121 24.64 -13.66 -6.18
CA THR D 121 25.57 -14.42 -6.99
C THR D 121 26.95 -13.78 -6.94
N PHE D 122 27.98 -14.62 -7.00
CA PHE D 122 29.37 -14.18 -6.99
C PHE D 122 29.98 -14.33 -8.37
N GLY D 123 31.22 -13.87 -8.50
CA GLY D 123 31.96 -14.00 -9.74
C GLY D 123 32.66 -15.33 -9.85
N GLY D 124 33.71 -15.35 -10.66
CA GLY D 124 34.47 -16.57 -10.87
C GLY D 124 35.85 -16.55 -10.26
N GLY D 125 36.29 -15.37 -9.81
CA GLY D 125 37.60 -15.23 -9.19
C GLY D 125 38.68 -14.82 -10.18
N THR D 126 39.80 -14.36 -9.62
CA THR D 126 40.93 -13.93 -10.43
C THR D 126 42.18 -13.91 -9.55
N LYS D 127 43.20 -14.65 -9.95
CA LYS D 127 44.46 -14.72 -9.21
C LYS D 127 45.46 -13.69 -9.73
N LEU D 128 46.54 -13.52 -8.97
CA LEU D 128 47.55 -12.52 -9.28
C LEU D 128 48.95 -13.06 -8.99
N GLU D 129 49.87 -12.74 -9.88
CA GLU D 129 51.30 -12.95 -9.65
C GLU D 129 52.13 -12.25 -10.71
C1 NAG E . -29.14 -25.55 -12.34
C2 NAG E . -30.63 -25.85 -12.50
C3 NAG E . -30.84 -26.94 -13.53
C4 NAG E . -30.14 -26.54 -14.82
C5 NAG E . -28.66 -26.31 -14.55
C6 NAG E . -27.91 -25.96 -15.82
C7 NAG E . -30.54 -26.94 -10.31
C8 NAG E . -30.58 -28.43 -10.48
N2 NAG E . -31.21 -26.23 -11.23
O3 NAG E . -32.24 -27.14 -13.75
O4 NAG E . -30.38 -27.54 -15.83
O5 NAG E . -28.53 -25.26 -13.59
O6 NAG E . -28.36 -24.67 -16.29
O7 NAG E . -29.93 -26.40 -9.40
C1 NAG E . -31.37 -27.11 -16.80
C2 NAG E . -32.18 -28.30 -17.33
C3 NAG E . -33.13 -27.83 -18.43
C4 NAG E . -34.01 -26.70 -17.92
C5 NAG E . -33.16 -25.57 -17.35
C6 NAG E . -33.96 -24.47 -16.72
C7 NAG E . -31.69 -30.62 -17.94
C8 NAG E . -30.65 -31.57 -18.45
N2 NAG E . -31.31 -29.35 -17.81
O3 NAG E . -33.94 -28.92 -18.86
O4 NAG E . -34.81 -26.18 -18.99
O5 NAG E . -32.28 -26.08 -16.33
O6 NAG E . -35.05 -24.99 -15.97
O7 NAG E . -32.82 -30.99 -17.66
C1 NAG F . -14.92 -9.71 -30.33
C2 NAG F . -14.38 -8.48 -31.05
C3 NAG F . -13.44 -7.69 -30.16
C4 NAG F . -12.89 -8.57 -29.05
C5 NAG F . -12.65 -9.99 -29.55
C6 NAG F . -12.05 -10.84 -28.43
C7 NAG F . -14.39 -9.20 -33.36
C8 NAG F . -13.79 -10.28 -34.21
N2 NAG F . -13.70 -8.89 -32.26
O3 NAG F . -14.15 -6.59 -29.57
O4 NAG F . -11.66 -8.02 -28.58
O5 NAG F . -13.86 -10.61 -29.99
O6 NAG F . -13.01 -10.95 -27.37
O7 NAG F . -15.44 -8.63 -33.65
C1 NAG G . 4.50 10.62 -14.15
C2 NAG G . 5.13 11.29 -15.37
C3 NAG G . 6.52 10.73 -15.62
C4 NAG G . 7.36 10.84 -14.36
C5 NAG G . 6.65 10.21 -13.18
C6 NAG G . 7.38 10.41 -11.88
C7 NAG G . 3.76 12.17 -17.21
C8 NAG G . 2.92 11.82 -18.41
N2 NAG G . 4.29 11.14 -16.55
O3 NAG G . 7.13 11.43 -16.70
O4 NAG G . 8.62 10.20 -14.57
O5 NAG G . 5.35 10.79 -13.01
O6 NAG G . 7.70 9.16 -11.26
O7 NAG G . 3.95 13.32 -16.87
C1 NAG H . -5.24 19.11 26.77
C2 NAG H . -4.79 17.64 26.79
C3 NAG H . -4.72 17.13 28.23
C4 NAG H . -3.89 18.06 29.10
C5 NAG H . -4.41 19.49 28.99
C6 NAG H . -3.57 20.48 29.76
C7 NAG H . -5.65 16.76 24.67
C8 NAG H . -6.65 15.84 24.03
N2 NAG H . -5.68 16.82 26.00
O3 NAG H . -4.17 15.82 28.24
O4 NAG H . -3.94 17.64 30.46
O5 NAG H . -4.39 19.90 27.62
O6 NAG H . -2.33 19.93 30.15
O7 NAG H . -4.85 17.42 24.01
C1 NAG I . 2.79 5.09 26.68
C2 NAG I . 2.18 4.59 27.98
C3 NAG I . 3.28 4.18 28.96
C4 NAG I . 4.22 3.18 28.30
C5 NAG I . 4.74 3.72 26.97
C6 NAG I . 5.58 2.73 26.22
C7 NAG I . 0.10 5.34 29.06
C8 NAG I . -0.64 6.51 29.63
N2 NAG I . 1.32 5.60 28.59
O3 NAG I . 2.70 3.62 30.13
O4 NAG I . 5.32 2.92 29.17
O5 NAG I . 3.64 4.07 26.13
O6 NAG I . 6.48 2.04 27.08
O7 NAG I . -0.37 4.21 29.04
#